data_6A99
#
_entry.id   6A99
#
_cell.length_a   70.454
_cell.length_b   82.398
_cell.length_c   136.575
_cell.angle_alpha   90.00
_cell.angle_beta   90.00
_cell.angle_gamma   90.00
#
_symmetry.space_group_name_H-M   'P 21 21 21'
#
loop_
_entity.id
_entity.type
_entity.pdbx_description
1 polymer 'aromatic prenyltransferase'
2 non-polymer (3~{Z})-3-(1-methylpyrrolidin-2-ylidene)indole
3 non-polymer 'CALCIUM ION'
4 non-polymer 'MAGNESIUM ION'
5 water water
#
_entity_poly.entity_id   1
_entity_poly.type   'polypeptide(L)'
_entity_poly.pdbx_seq_one_letter_code
;MGSSHHHHHHSSGLVPRGSHMASAVSIPIKNAGFEEPSLTVEDYYTIDTPPGWITYDPNGLVPAKRTRITSNNGVGYTGP
NSAYYNHKAPEGRNVAYVYLAQEIGSGIAGLEQTLDAVLKPNTKYTLTVDIGNSGGSFQGFPLDGFPGYRVELLAGDTVL
AADQNNLYIKEKDFKTTTVTFIATPESPYLGQHLGIRLINPLQGKFSGVDFDNVRLTAEPAET
;
_entity_poly.pdbx_strand_id   A,B,C,D
#
loop_
_chem_comp.id
_chem_comp.type
_chem_comp.name
_chem_comp.formula
9UL non-polymer (3~{Z})-3-(1-methylpyrrolidin-2-ylidene)indole 'C13 H14 N2'
CA non-polymer 'CALCIUM ION' 'Ca 2'
MG non-polymer 'MAGNESIUM ION' 'Mg 2'
#
# COMPACT_ATOMS: atom_id res chain seq x y z
N SER A 23 -41.56 -1.30 8.00
CA SER A 23 -41.63 -2.69 7.43
C SER A 23 -40.99 -2.75 6.03
N ALA A 24 -39.97 -3.63 5.93
CA ALA A 24 -39.06 -3.74 4.76
C ALA A 24 -39.55 -4.79 3.75
N VAL A 25 -39.58 -4.36 2.49
CA VAL A 25 -39.98 -5.16 1.33
C VAL A 25 -38.73 -5.69 0.63
N SER A 26 -38.77 -6.97 0.25
CA SER A 26 -37.69 -7.63 -0.48
C SER A 26 -37.71 -7.20 -1.96
N ILE A 27 -36.52 -6.97 -2.52
CA ILE A 27 -36.35 -6.69 -3.94
C ILE A 27 -35.92 -7.96 -4.65
N PRO A 28 -36.66 -8.41 -5.69
CA PRO A 28 -36.33 -9.65 -6.38
C PRO A 28 -34.91 -9.66 -7.02
N ILE A 29 -34.19 -10.73 -6.75
CA ILE A 29 -32.88 -11.02 -7.28
C ILE A 29 -32.99 -12.40 -7.90
N LYS A 30 -32.38 -12.57 -9.08
CA LYS A 30 -32.36 -13.86 -9.74
C LYS A 30 -31.20 -14.67 -9.14
N ASN A 31 -31.46 -15.96 -8.89
CA ASN A 31 -30.53 -16.90 -8.42
C ASN A 31 -29.74 -16.28 -7.26
N ALA A 32 -30.46 -15.79 -6.25
CA ALA A 32 -29.91 -14.95 -5.18
C ALA A 32 -29.00 -15.77 -4.25
N GLY A 33 -29.23 -17.09 -4.23
CA GLY A 33 -28.51 -18.00 -3.40
C GLY A 33 -27.65 -18.94 -4.21
N PHE A 34 -27.62 -18.76 -5.53
CA PHE A 34 -26.73 -19.52 -6.42
C PHE A 34 -27.09 -21.00 -6.40
N GLU A 35 -28.37 -21.28 -6.14
CA GLU A 35 -28.90 -22.63 -6.01
C GLU A 35 -29.08 -23.24 -7.42
N GLU A 36 -29.01 -22.43 -8.47
CA GLU A 36 -29.13 -22.87 -9.86
C GLU A 36 -27.75 -22.70 -10.54
N PRO A 37 -27.26 -23.69 -11.29
CA PRO A 37 -27.79 -25.04 -11.45
C PRO A 37 -27.63 -25.93 -10.21
N SER A 38 -28.62 -26.81 -9.97
CA SER A 38 -28.55 -27.86 -8.94
C SER A 38 -27.35 -28.76 -9.21
N LEU A 39 -26.62 -29.11 -8.14
CA LEU A 39 -25.42 -29.97 -8.22
C LEU A 39 -25.59 -31.17 -7.28
N THR A 40 -25.02 -32.32 -7.68
CA THR A 40 -25.38 -33.65 -7.13
C THR A 40 -24.42 -34.07 -6.01
N VAL A 41 -23.12 -33.81 -6.18
CA VAL A 41 -22.09 -34.37 -5.32
C VAL A 41 -21.32 -33.27 -4.57
N GLU A 42 -20.93 -33.58 -3.33
CA GLU A 42 -20.20 -32.70 -2.42
C GLU A 42 -18.87 -32.28 -3.07
N ASP A 43 -18.52 -30.99 -2.98
CA ASP A 43 -17.26 -30.41 -3.47
C ASP A 43 -17.23 -30.22 -5.00
N TYR A 44 -18.28 -30.67 -5.72
CA TYR A 44 -18.43 -30.44 -7.17
C TYR A 44 -18.64 -28.94 -7.41
N TYR A 45 -18.37 -28.51 -8.65
CA TYR A 45 -18.53 -27.11 -9.01
C TYR A 45 -18.68 -26.97 -10.52
N THR A 46 -19.31 -25.86 -10.94
CA THR A 46 -19.26 -25.38 -12.33
C THR A 46 -18.16 -24.32 -12.46
N ILE A 47 -17.84 -24.01 -13.73
CA ILE A 47 -16.89 -22.99 -14.08
C ILE A 47 -17.52 -22.02 -15.07
N ASP A 48 -18.86 -21.98 -15.12
CA ASP A 48 -19.60 -20.94 -15.89
C ASP A 48 -20.29 -19.96 -14.93
N THR A 49 -20.46 -18.70 -15.39
CA THR A 49 -21.07 -17.64 -14.60
C THR A 49 -22.37 -18.18 -14.00
N PRO A 50 -22.62 -18.04 -12.68
CA PRO A 50 -23.89 -18.48 -12.13
C PRO A 50 -25.05 -17.93 -12.96
N PRO A 51 -26.04 -18.75 -13.35
CA PRO A 51 -27.20 -18.25 -14.08
C PRO A 51 -27.79 -17.07 -13.29
N GLY A 52 -28.27 -16.07 -14.04
CA GLY A 52 -28.88 -14.82 -13.54
C GLY A 52 -27.85 -13.75 -13.20
N TRP A 53 -26.56 -14.10 -13.30
CA TRP A 53 -25.53 -13.17 -12.97
C TRP A 53 -24.67 -12.93 -14.21
N ILE A 54 -23.86 -11.88 -14.11
CA ILE A 54 -22.95 -11.48 -15.13
C ILE A 54 -21.55 -11.39 -14.50
N THR A 55 -20.51 -11.72 -15.28
CA THR A 55 -19.12 -11.60 -14.88
C THR A 55 -18.72 -10.14 -15.03
N TYR A 56 -18.22 -9.56 -13.93
CA TYR A 56 -17.69 -8.25 -13.88
C TYR A 56 -16.17 -8.38 -13.94
N ASP A 57 -15.62 -7.84 -15.03
CA ASP A 57 -14.26 -8.12 -15.48
C ASP A 57 -13.71 -6.88 -16.17
N PRO A 58 -13.53 -5.77 -15.40
CA PRO A 58 -13.09 -4.51 -15.98
C PRO A 58 -11.63 -4.47 -16.45
N ASN A 59 -10.81 -5.40 -15.96
CA ASN A 59 -9.38 -5.51 -16.31
C ASN A 59 -9.15 -6.73 -17.22
N GLY A 60 -10.23 -7.36 -17.73
CA GLY A 60 -10.13 -8.52 -18.63
C GLY A 60 -9.26 -9.65 -18.08
N LEU A 61 -9.62 -10.20 -16.92
CA LEU A 61 -8.86 -11.26 -16.27
C LEU A 61 -9.55 -12.62 -16.42
N VAL A 62 -10.83 -12.62 -16.82
CA VAL A 62 -11.71 -13.80 -16.85
C VAL A 62 -12.12 -14.08 -18.29
N PRO A 63 -11.62 -15.20 -18.89
CA PRO A 63 -11.94 -15.58 -20.27
C PRO A 63 -13.40 -16.03 -20.45
N ALA A 64 -13.90 -15.93 -21.69
CA ALA A 64 -15.27 -16.37 -22.02
C ALA A 64 -15.42 -17.88 -21.83
N LYS A 65 -14.40 -18.63 -22.30
CA LYS A 65 -14.31 -20.08 -22.18
C LYS A 65 -13.24 -20.36 -21.14
N ARG A 66 -13.75 -20.95 -20.00
CA ARG A 66 -12.79 -21.11 -18.89
C ARG A 66 -12.36 -22.57 -18.73
N THR A 67 -11.18 -22.78 -18.02
CA THR A 67 -10.73 -24.11 -17.60
C THR A 67 -10.74 -24.14 -16.07
N ARG A 68 -10.13 -25.16 -15.49
CA ARG A 68 -10.07 -25.27 -14.05
C ARG A 68 -8.87 -24.47 -13.55
N ILE A 69 -7.89 -24.12 -14.41
CA ILE A 69 -6.68 -23.38 -13.92
C ILE A 69 -6.73 -21.89 -14.32
N THR A 70 -7.70 -21.50 -15.16
CA THR A 70 -7.91 -20.06 -15.48
C THR A 70 -8.60 -19.37 -14.31
N SER A 71 -8.55 -18.04 -14.31
CA SER A 71 -9.50 -17.29 -13.57
C SER A 71 -10.90 -17.75 -14.03
N ASN A 72 -11.81 -17.93 -13.06
CA ASN A 72 -13.12 -18.49 -13.33
C ASN A 72 -14.10 -18.07 -12.23
N ASN A 73 -15.35 -18.45 -12.43
CA ASN A 73 -16.37 -18.22 -11.44
C ASN A 73 -17.45 -19.27 -11.66
N GLY A 74 -18.30 -19.50 -10.66
CA GLY A 74 -19.32 -20.48 -10.81
C GLY A 74 -20.00 -20.74 -9.49
N VAL A 75 -20.67 -21.89 -9.40
CA VAL A 75 -21.26 -22.35 -8.18
C VAL A 75 -20.49 -23.61 -7.72
N GLY A 76 -20.52 -23.85 -6.41
CA GLY A 76 -19.94 -25.01 -5.73
C GLY A 76 -20.88 -25.57 -4.67
N TYR A 77 -21.12 -26.88 -4.72
CA TYR A 77 -21.82 -27.64 -3.69
C TYR A 77 -20.99 -27.57 -2.40
N THR A 78 -21.52 -26.89 -1.39
CA THR A 78 -20.93 -26.89 -0.07
C THR A 78 -21.97 -27.48 0.88
N GLY A 79 -21.72 -28.71 1.33
CA GLY A 79 -22.58 -29.43 2.24
C GLY A 79 -21.89 -29.67 3.58
N PRO A 80 -22.58 -30.40 4.48
CA PRO A 80 -22.07 -30.73 5.81
C PRO A 80 -20.68 -31.37 5.91
N ASN A 81 -20.17 -31.95 4.81
CA ASN A 81 -18.84 -32.59 4.73
C ASN A 81 -17.93 -31.92 3.69
N SER A 82 -18.17 -30.64 3.42
CA SER A 82 -17.28 -29.84 2.55
C SER A 82 -15.82 -29.95 3.02
N ALA A 83 -14.90 -30.11 2.05
CA ALA A 83 -13.44 -30.06 2.30
C ALA A 83 -12.97 -28.64 2.67
N TYR A 84 -13.75 -27.63 2.25
CA TYR A 84 -13.30 -26.21 2.20
C TYR A 84 -13.89 -25.34 3.33
N TYR A 85 -15.01 -25.76 3.92
CA TYR A 85 -15.71 -25.05 4.98
C TYR A 85 -16.15 -26.04 6.07
N ASN A 86 -16.20 -25.52 7.29
CA ASN A 86 -16.62 -26.20 8.52
C ASN A 86 -18.09 -26.62 8.43
N HIS A 87 -18.93 -25.71 7.94
CA HIS A 87 -20.36 -25.90 7.83
C HIS A 87 -20.73 -25.82 6.35
N LYS A 88 -21.93 -26.29 6.03
CA LYS A 88 -22.52 -26.20 4.72
C LYS A 88 -22.69 -24.73 4.31
N ALA A 89 -23.07 -24.55 3.04
CA ALA A 89 -23.38 -23.26 2.48
C ALA A 89 -24.31 -22.51 3.43
N PRO A 90 -24.12 -21.21 3.72
CA PRO A 90 -25.07 -20.48 4.56
C PRO A 90 -26.53 -20.71 4.12
N GLU A 91 -26.76 -20.91 2.83
CA GLU A 91 -28.11 -21.02 2.29
C GLU A 91 -28.09 -22.12 1.24
N GLY A 92 -29.05 -23.04 1.32
CA GLY A 92 -29.18 -24.16 0.38
C GLY A 92 -27.93 -25.00 0.37
N ARG A 93 -27.56 -25.48 -0.82
CA ARG A 93 -26.40 -26.39 -0.96
C ARG A 93 -25.23 -25.69 -1.64
N ASN A 94 -25.47 -24.56 -2.34
CA ASN A 94 -24.47 -23.91 -3.20
C ASN A 94 -24.08 -22.52 -2.68
N VAL A 95 -22.81 -22.19 -2.95
CA VAL A 95 -22.19 -20.89 -2.84
C VAL A 95 -21.69 -20.49 -4.23
N ALA A 96 -21.59 -19.18 -4.51
CA ALA A 96 -20.85 -18.71 -5.70
C ALA A 96 -19.39 -18.49 -5.32
N TYR A 97 -18.49 -18.58 -6.29
CA TYR A 97 -17.06 -18.38 -6.04
C TYR A 97 -16.48 -17.56 -7.18
N VAL A 98 -15.48 -16.75 -6.84
CA VAL A 98 -14.71 -15.97 -7.80
C VAL A 98 -13.23 -16.21 -7.52
N TYR A 99 -12.53 -16.76 -8.53
CA TYR A 99 -11.11 -17.10 -8.44
C TYR A 99 -10.35 -16.36 -9.54
N LEU A 100 -9.27 -15.69 -9.15
CA LEU A 100 -8.39 -15.00 -10.06
C LEU A 100 -7.00 -15.63 -9.98
N ALA A 101 -6.51 -16.10 -11.15
CA ALA A 101 -5.23 -16.85 -11.28
C ALA A 101 -4.05 -15.89 -11.29
N GLN A 102 -4.32 -14.63 -11.67
CA GLN A 102 -3.27 -13.65 -11.98
C GLN A 102 -2.60 -13.21 -10.67
N GLU A 103 -1.45 -12.52 -10.77
CA GLU A 103 -0.64 -12.00 -9.65
C GLU A 103 -1.46 -10.98 -8.84
N ILE A 104 -1.04 -10.67 -7.61
CA ILE A 104 -1.75 -9.68 -6.83
C ILE A 104 -1.48 -8.31 -7.49
N GLY A 105 -2.48 -7.41 -7.47
CA GLY A 105 -2.39 -6.07 -8.08
C GLY A 105 -2.75 -6.09 -9.57
N SER A 106 -3.15 -7.25 -10.11
CA SER A 106 -3.49 -7.32 -11.52
C SER A 106 -4.88 -6.71 -11.77
N GLY A 107 -5.68 -6.45 -10.72
CA GLY A 107 -7.00 -5.83 -10.87
C GLY A 107 -8.05 -6.54 -10.02
N ILE A 108 -9.32 -6.50 -10.48
CA ILE A 108 -10.49 -6.96 -9.71
C ILE A 108 -11.47 -7.63 -10.66
N ALA A 109 -12.35 -8.46 -10.11
CA ALA A 109 -13.34 -9.13 -10.90
C ALA A 109 -14.38 -9.76 -9.96
N GLY A 110 -15.58 -9.98 -10.45
CA GLY A 110 -16.56 -10.58 -9.65
C GLY A 110 -17.83 -10.87 -10.40
N LEU A 111 -18.92 -10.90 -9.66
CA LEU A 111 -20.21 -11.14 -10.23
C LEU A 111 -21.00 -9.84 -10.07
N GLU A 112 -21.88 -9.55 -11.03
CA GLU A 112 -22.75 -8.40 -11.03
C GLU A 112 -24.13 -8.87 -11.48
N GLN A 113 -25.16 -8.18 -11.02
CA GLN A 113 -26.50 -8.32 -11.53
C GLN A 113 -27.24 -6.96 -11.43
N THR A 114 -27.82 -6.56 -12.55
CA THR A 114 -28.73 -5.46 -12.68
C THR A 114 -30.13 -5.96 -12.35
N LEU A 115 -30.82 -5.22 -11.50
CA LEU A 115 -32.12 -5.61 -10.98
C LEU A 115 -33.19 -4.85 -11.78
N ASP A 116 -34.44 -5.28 -11.60
CA ASP A 116 -35.61 -4.67 -12.23
C ASP A 116 -36.03 -3.43 -11.45
N ALA A 117 -35.81 -3.45 -10.12
CA ALA A 117 -36.08 -2.30 -9.32
C ALA A 117 -35.16 -1.14 -9.76
N VAL A 118 -35.67 0.08 -9.58
CA VAL A 118 -34.95 1.31 -9.83
C VAL A 118 -34.81 2.03 -8.49
N LEU A 119 -33.85 2.97 -8.41
CA LEU A 119 -33.58 3.73 -7.17
C LEU A 119 -34.72 4.70 -6.88
N LYS A 120 -35.30 4.60 -5.67
CA LYS A 120 -36.41 5.44 -5.22
C LYS A 120 -35.94 6.39 -4.14
N PRO A 121 -36.46 7.64 -4.12
CA PRO A 121 -36.10 8.60 -3.07
C PRO A 121 -36.72 8.22 -1.73
N ASN A 122 -36.11 8.71 -0.65
CA ASN A 122 -36.55 8.51 0.74
C ASN A 122 -36.69 7.02 1.06
N THR A 123 -35.74 6.21 0.57
CA THR A 123 -35.74 4.77 0.72
C THR A 123 -34.39 4.32 1.25
N LYS A 124 -34.43 3.53 2.31
CA LYS A 124 -33.27 2.87 2.88
C LYS A 124 -33.15 1.46 2.29
N TYR A 125 -32.06 1.22 1.58
CA TYR A 125 -31.75 -0.07 0.97
C TYR A 125 -30.77 -0.82 1.86
N THR A 126 -31.05 -2.11 2.08
CA THR A 126 -30.22 -2.97 2.89
C THR A 126 -29.82 -4.20 2.06
N LEU A 127 -28.53 -4.30 1.77
CA LEU A 127 -27.94 -5.37 0.97
C LEU A 127 -27.07 -6.23 1.90
N THR A 128 -27.45 -7.49 2.08
CA THR A 128 -26.75 -8.47 2.87
C THR A 128 -26.30 -9.61 1.95
N VAL A 129 -25.13 -10.16 2.25
CA VAL A 129 -24.56 -11.25 1.51
C VAL A 129 -23.59 -11.93 2.47
N ASP A 130 -23.48 -13.26 2.39
CA ASP A 130 -22.48 -14.00 3.16
C ASP A 130 -21.24 -14.16 2.28
N ILE A 131 -20.08 -13.95 2.91
CA ILE A 131 -18.77 -14.01 2.33
C ILE A 131 -17.98 -15.16 2.95
N GLY A 132 -17.39 -16.04 2.11
CA GLY A 132 -16.65 -17.22 2.49
C GLY A 132 -15.16 -17.15 2.16
N ASN A 133 -14.37 -17.54 3.17
CA ASN A 133 -12.95 -17.76 3.05
C ASN A 133 -12.74 -19.28 3.01
N SER A 134 -12.77 -19.85 1.80
CA SER A 134 -12.52 -21.27 1.63
C SER A 134 -11.15 -21.58 2.26
N GLY A 135 -11.09 -22.69 2.97
CA GLY A 135 -9.82 -23.11 3.58
C GLY A 135 -9.50 -24.57 3.30
N GLY A 136 -8.39 -25.05 3.90
CA GLY A 136 -7.94 -26.43 3.72
C GLY A 136 -7.10 -26.56 2.46
N SER A 137 -7.36 -27.57 1.60
CA SER A 137 -6.51 -27.77 0.38
C SER A 137 -7.28 -28.48 -0.74
N PHE A 138 -6.87 -28.18 -1.98
CA PHE A 138 -7.36 -28.81 -3.19
C PHE A 138 -6.14 -29.42 -3.91
N GLN A 139 -6.16 -30.76 -4.06
CA GLN A 139 -5.11 -31.54 -4.72
C GLN A 139 -3.70 -31.08 -4.28
N GLY A 140 -3.45 -30.97 -2.98
CA GLY A 140 -2.14 -30.60 -2.42
C GLY A 140 -1.89 -29.09 -2.36
N PHE A 141 -2.72 -28.29 -3.05
CA PHE A 141 -2.61 -26.85 -3.08
C PHE A 141 -3.25 -26.25 -1.82
N PRO A 142 -2.51 -25.55 -0.92
CA PRO A 142 -3.12 -24.86 0.21
C PRO A 142 -4.08 -23.73 -0.19
N LEU A 143 -5.23 -23.69 0.48
CA LEU A 143 -6.25 -22.66 0.26
C LEU A 143 -6.12 -21.58 1.35
N ASP A 144 -5.09 -21.65 2.18
CA ASP A 144 -4.80 -20.61 3.18
C ASP A 144 -4.59 -19.26 2.48
N GLY A 145 -5.01 -18.18 3.17
CA GLY A 145 -5.02 -16.85 2.57
C GLY A 145 -6.37 -16.54 1.94
N PHE A 146 -6.55 -15.27 1.60
CA PHE A 146 -7.81 -14.68 1.18
C PHE A 146 -7.54 -13.43 0.37
N PRO A 147 -8.24 -13.18 -0.77
CA PRO A 147 -8.01 -11.96 -1.56
C PRO A 147 -8.79 -10.73 -1.09
N GLY A 148 -9.60 -10.90 -0.03
CA GLY A 148 -10.47 -9.89 0.41
C GLY A 148 -11.77 -9.92 -0.38
N TYR A 149 -12.65 -8.95 -0.10
CA TYR A 149 -13.92 -8.85 -0.72
C TYR A 149 -14.27 -7.37 -0.85
N ARG A 150 -15.13 -7.05 -1.82
CA ARG A 150 -15.85 -5.79 -1.82
C ARG A 150 -17.27 -6.03 -2.36
N VAL A 151 -18.25 -5.58 -1.60
CA VAL A 151 -19.69 -5.67 -1.94
C VAL A 151 -20.15 -4.25 -2.27
N GLU A 152 -20.89 -4.11 -3.37
CA GLU A 152 -21.33 -2.80 -3.87
C GLU A 152 -22.82 -2.85 -4.24
N LEU A 153 -23.55 -1.82 -3.83
CA LEU A 153 -24.86 -1.49 -4.34
C LEU A 153 -24.70 -0.39 -5.38
N LEU A 154 -25.25 -0.62 -6.58
CA LEU A 154 -25.18 0.34 -7.71
C LEU A 154 -26.57 0.90 -8.04
N ALA A 155 -26.54 2.05 -8.71
CA ALA A 155 -27.61 2.54 -9.55
C ALA A 155 -26.97 3.03 -10.84
N GLY A 156 -27.52 2.61 -11.98
CA GLY A 156 -26.88 2.87 -13.23
C GLY A 156 -25.50 2.25 -13.21
N ASP A 157 -24.46 3.03 -13.48
CA ASP A 157 -23.09 2.51 -13.32
C ASP A 157 -22.38 3.29 -12.22
N THR A 158 -23.12 3.70 -11.20
CA THR A 158 -22.54 4.37 -10.08
C THR A 158 -22.58 3.45 -8.85
N VAL A 159 -21.44 3.31 -8.18
CA VAL A 159 -21.38 2.69 -6.85
C VAL A 159 -21.97 3.70 -5.86
N LEU A 160 -23.12 3.34 -5.26
CA LEU A 160 -23.81 4.21 -4.35
C LEU A 160 -23.19 4.03 -2.96
N ALA A 161 -22.99 2.76 -2.56
CA ALA A 161 -22.44 2.41 -1.30
C ALA A 161 -21.65 1.11 -1.41
N ALA A 162 -20.59 1.00 -0.59
CA ALA A 162 -19.78 -0.21 -0.60
C ALA A 162 -19.14 -0.47 0.75
N ASP A 163 -18.85 -1.75 0.95
CA ASP A 163 -18.04 -2.28 2.02
C ASP A 163 -16.89 -3.07 1.39
N GLN A 164 -15.66 -2.69 1.70
CA GLN A 164 -14.52 -3.48 1.33
C GLN A 164 -13.77 -3.87 2.63
N ASN A 165 -13.73 -5.18 2.90
CA ASN A 165 -12.90 -5.82 3.93
C ASN A 165 -13.15 -5.30 5.34
N ASN A 166 -14.35 -4.74 5.62
CA ASN A 166 -14.62 -4.36 6.99
C ASN A 166 -14.74 -5.62 7.88
N LEU A 167 -15.25 -6.75 7.36
CA LEU A 167 -15.33 -8.02 8.15
C LEU A 167 -14.10 -8.88 7.92
N TYR A 168 -13.52 -9.39 9.00
CA TYR A 168 -12.48 -10.39 8.94
C TYR A 168 -13.16 -11.75 8.84
N ILE A 169 -12.72 -12.61 7.90
CA ILE A 169 -13.36 -13.93 7.71
C ILE A 169 -12.30 -15.04 7.85
N LYS A 170 -12.42 -15.86 8.90
CA LYS A 170 -11.50 -16.96 9.17
C LYS A 170 -11.57 -18.00 8.05
N GLU A 171 -10.47 -18.72 7.88
CA GLU A 171 -10.42 -19.90 7.04
C GLU A 171 -11.58 -20.82 7.43
N LYS A 172 -12.27 -21.31 6.39
CA LYS A 172 -13.28 -22.34 6.42
C LYS A 172 -14.61 -21.77 6.96
N ASP A 173 -14.73 -20.44 6.99
CA ASP A 173 -15.84 -19.78 7.61
C ASP A 173 -16.48 -18.77 6.64
N PHE A 174 -17.76 -18.47 6.91
CA PHE A 174 -18.54 -17.46 6.25
C PHE A 174 -19.00 -16.42 7.26
N LYS A 175 -19.20 -15.20 6.78
CA LYS A 175 -19.73 -14.16 7.59
C LYS A 175 -20.57 -13.22 6.72
N THR A 176 -21.67 -12.73 7.30
CA THR A 176 -22.60 -11.80 6.67
C THR A 176 -22.10 -10.36 6.81
N THR A 177 -22.09 -9.65 5.69
CA THR A 177 -21.88 -8.20 5.70
C THR A 177 -23.20 -7.53 5.31
N THR A 178 -23.31 -6.25 5.69
CA THR A 178 -24.42 -5.37 5.37
C THR A 178 -23.89 -4.06 4.78
N VAL A 179 -24.39 -3.72 3.61
CA VAL A 179 -24.19 -2.40 2.96
C VAL A 179 -25.55 -1.68 2.97
N THR A 180 -25.58 -0.43 3.47
CA THR A 180 -26.85 0.33 3.53
C THR A 180 -26.69 1.66 2.81
N PHE A 181 -27.79 2.14 2.25
CA PHE A 181 -27.76 3.40 1.53
C PHE A 181 -29.15 4.04 1.61
N ILE A 182 -29.17 5.38 1.69
CA ILE A 182 -30.37 6.17 1.68
C ILE A 182 -30.27 7.16 0.53
N ALA A 183 -31.24 7.07 -0.38
CA ALA A 183 -31.34 7.96 -1.49
C ALA A 183 -32.26 9.09 -1.08
N THR A 184 -31.79 10.33 -1.21
CA THR A 184 -32.57 11.54 -0.93
C THR A 184 -33.35 11.96 -2.18
N PRO A 185 -34.36 12.86 -2.07
CA PRO A 185 -35.00 13.44 -3.24
C PRO A 185 -34.02 14.17 -4.16
N GLU A 186 -32.85 14.56 -3.62
CA GLU A 186 -31.81 15.30 -4.36
C GLU A 186 -30.88 14.38 -5.17
N SER A 187 -30.96 13.07 -4.94
CA SER A 187 -30.04 12.13 -5.56
C SER A 187 -30.11 12.28 -7.08
N PRO A 188 -28.97 12.37 -7.77
CA PRO A 188 -28.97 12.38 -9.22
C PRO A 188 -29.20 11.03 -9.90
N TYR A 189 -29.47 9.98 -9.10
CA TYR A 189 -29.50 8.62 -9.63
C TYR A 189 -30.91 8.00 -9.54
N LEU A 190 -31.90 8.77 -9.11
CA LEU A 190 -33.28 8.26 -9.04
C LEU A 190 -33.77 7.83 -10.43
N GLY A 191 -34.53 6.74 -10.48
CA GLY A 191 -35.04 6.13 -11.72
C GLY A 191 -34.06 5.17 -12.39
N GLN A 192 -32.81 5.12 -11.92
CA GLN A 192 -31.80 4.27 -12.56
C GLN A 192 -31.89 2.86 -11.96
N HIS A 193 -31.64 1.84 -12.79
CA HIS A 193 -31.69 0.43 -12.38
C HIS A 193 -30.64 0.16 -11.31
N LEU A 194 -31.10 -0.48 -10.24
CA LEU A 194 -30.24 -0.91 -9.14
C LEU A 194 -29.33 -2.04 -9.63
N GLY A 195 -28.19 -2.22 -8.98
CA GLY A 195 -27.34 -3.34 -9.24
C GLY A 195 -26.65 -3.81 -7.98
N ILE A 196 -26.06 -5.02 -8.04
CA ILE A 196 -25.30 -5.59 -6.92
C ILE A 196 -24.01 -6.12 -7.51
N ARG A 197 -22.86 -5.79 -6.93
CA ARG A 197 -21.62 -6.34 -7.39
C ARG A 197 -20.96 -7.04 -6.20
N LEU A 198 -20.39 -8.22 -6.48
CA LEU A 198 -19.67 -9.04 -5.54
C LEU A 198 -18.26 -9.22 -6.07
N ILE A 199 -17.25 -8.68 -5.38
CA ILE A 199 -15.93 -8.44 -5.97
C ILE A 199 -14.86 -9.20 -5.19
N ASN A 200 -13.97 -9.82 -5.97
CA ASN A 200 -12.64 -10.29 -5.63
C ASN A 200 -11.66 -9.18 -5.98
N PRO A 201 -11.07 -8.50 -4.98
CA PRO A 201 -10.09 -7.45 -5.24
C PRO A 201 -8.63 -7.89 -5.37
N LEU A 202 -8.40 -9.21 -5.27
CA LEU A 202 -7.11 -9.81 -5.54
C LEU A 202 -6.03 -9.15 -4.68
N GLN A 203 -6.23 -9.17 -3.35
CA GLN A 203 -5.33 -8.52 -2.40
C GLN A 203 -4.71 -9.56 -1.44
N GLY A 204 -4.53 -10.78 -1.94
CA GLY A 204 -3.99 -11.86 -1.18
C GLY A 204 -4.21 -13.15 -1.95
N LYS A 205 -3.38 -14.15 -1.64
CA LYS A 205 -3.53 -15.49 -2.14
C LYS A 205 -3.61 -16.43 -0.94
N PHE A 206 -4.35 -17.53 -1.05
CA PHE A 206 -5.07 -17.97 -2.22
C PHE A 206 -6.22 -17.00 -2.60
N SER A 207 -6.27 -16.64 -3.87
CA SER A 207 -7.10 -15.56 -4.37
C SER A 207 -8.46 -16.09 -4.83
N GLY A 208 -9.11 -16.86 -3.95
CA GLY A 208 -10.51 -17.26 -4.14
C GLY A 208 -11.35 -16.62 -3.05
N VAL A 209 -12.53 -16.09 -3.38
CA VAL A 209 -13.48 -15.61 -2.38
C VAL A 209 -14.86 -16.14 -2.76
N ASP A 210 -15.69 -16.48 -1.75
CA ASP A 210 -17.02 -17.10 -2.02
C ASP A 210 -18.17 -16.20 -1.52
N PHE A 211 -19.37 -16.36 -2.07
CA PHE A 211 -20.49 -15.56 -1.72
C PHE A 211 -21.73 -16.44 -1.63
N ASP A 212 -22.67 -16.01 -0.77
CA ASP A 212 -23.96 -16.69 -0.72
C ASP A 212 -25.02 -15.74 -0.17
N ASN A 213 -26.28 -16.10 -0.45
CA ASN A 213 -27.48 -15.64 0.24
C ASN A 213 -27.61 -14.13 0.07
N VAL A 214 -27.61 -13.65 -1.18
CA VAL A 214 -27.70 -12.25 -1.46
C VAL A 214 -29.15 -11.83 -1.27
N ARG A 215 -29.35 -10.75 -0.51
CA ARG A 215 -30.68 -10.23 -0.24
C ARG A 215 -30.59 -8.70 -0.21
N LEU A 216 -31.62 -8.06 -0.79
CA LEU A 216 -31.76 -6.63 -0.83
C LEU A 216 -33.17 -6.28 -0.40
N THR A 217 -33.31 -5.38 0.58
CA THR A 217 -34.61 -4.89 1.00
C THR A 217 -34.67 -3.36 0.85
N ALA A 218 -35.91 -2.86 0.69
CA ALA A 218 -36.27 -1.44 0.65
C ALA A 218 -37.24 -1.14 1.80
N GLU A 219 -37.05 0.02 2.45
CA GLU A 219 -37.98 0.49 3.45
C GLU A 219 -37.98 2.02 3.44
N PRO A 220 -39.08 2.65 3.94
CA PRO A 220 -39.12 4.11 4.02
C PRO A 220 -38.09 4.60 5.05
N ALA A 221 -37.43 5.71 4.69
CA ALA A 221 -36.42 6.38 5.52
C ALA A 221 -36.80 7.86 5.70
N GLU A 222 -36.12 8.57 6.62
CA GLU A 222 -36.34 10.05 6.78
C GLU A 222 -35.21 10.83 6.09
N SER B 23 -7.19 -4.00 24.86
CA SER B 23 -6.55 -2.66 25.10
C SER B 23 -5.92 -2.12 23.80
N ALA B 24 -6.69 -1.27 23.11
CA ALA B 24 -6.33 -0.69 21.83
C ALA B 24 -5.31 0.45 22.04
N VAL B 25 -4.21 0.41 21.28
CA VAL B 25 -3.21 1.52 21.23
C VAL B 25 -3.63 2.48 20.11
N SER B 26 -3.61 3.79 20.39
CA SER B 26 -3.82 4.83 19.39
C SER B 26 -2.54 5.05 18.58
N ILE B 27 -2.68 5.23 17.26
CA ILE B 27 -1.57 5.41 16.33
C ILE B 27 -1.48 6.91 16.00
N PRO B 28 -0.27 7.53 16.06
CA PRO B 28 -0.13 8.97 15.87
C PRO B 28 -0.49 9.41 14.43
N ILE B 29 -1.39 10.39 14.36
CA ILE B 29 -1.78 11.04 13.10
C ILE B 29 -1.52 12.55 13.26
N LYS B 30 -0.77 13.15 12.32
CA LYS B 30 -0.57 14.59 12.28
C LYS B 30 -1.94 15.28 12.05
N ASN B 31 -2.22 16.31 12.86
CA ASN B 31 -3.31 17.25 12.66
C ASN B 31 -4.63 16.51 12.44
N ALA B 32 -4.79 15.49 13.28
CA ALA B 32 -5.85 14.51 13.24
C ALA B 32 -7.23 15.15 13.33
N GLY B 33 -7.30 16.26 14.07
CA GLY B 33 -8.52 16.97 14.29
C GLY B 33 -8.65 18.23 13.44
N PHE B 34 -7.69 18.43 12.54
CA PHE B 34 -7.64 19.60 11.67
C PHE B 34 -7.56 20.89 12.50
N GLU B 35 -6.93 20.83 13.69
CA GLU B 35 -6.92 22.00 14.59
C GLU B 35 -5.87 23.03 14.16
N GLU B 36 -4.88 22.60 13.38
CA GLU B 36 -3.95 23.45 12.63
C GLU B 36 -4.49 23.72 11.23
N PRO B 37 -4.50 24.98 10.77
CA PRO B 37 -4.10 26.14 11.54
C PRO B 37 -5.22 26.56 12.48
N SER B 38 -4.82 27.16 13.61
CA SER B 38 -5.71 27.76 14.59
C SER B 38 -6.39 29.02 14.02
N LEU B 39 -7.72 29.00 13.90
CA LEU B 39 -8.54 30.10 13.38
C LEU B 39 -9.23 30.70 14.58
N THR B 40 -9.72 31.93 14.44
CA THR B 40 -10.22 32.65 15.63
C THR B 40 -11.64 33.19 15.43
N VAL B 41 -12.08 33.36 14.17
CA VAL B 41 -13.42 33.86 13.85
C VAL B 41 -14.30 32.73 13.30
N GLU B 42 -15.53 32.67 13.80
CA GLU B 42 -16.62 31.75 13.42
C GLU B 42 -16.87 31.78 11.90
N ASP B 43 -16.89 30.57 11.31
CA ASP B 43 -17.20 30.31 9.90
C ASP B 43 -16.07 30.77 8.96
N TYR B 44 -14.93 31.24 9.51
CA TYR B 44 -13.78 31.49 8.67
C TYR B 44 -13.16 30.13 8.28
N TYR B 45 -12.48 30.12 7.14
CA TYR B 45 -11.99 28.91 6.57
C TYR B 45 -10.81 29.22 5.67
N THR B 46 -9.87 28.28 5.60
CA THR B 46 -8.76 28.32 4.66
C THR B 46 -9.12 27.55 3.39
N ILE B 47 -8.30 27.75 2.37
CA ILE B 47 -8.45 27.15 1.08
C ILE B 47 -7.12 26.45 0.72
N ASP B 48 -6.31 26.14 1.72
CA ASP B 48 -5.08 25.36 1.52
C ASP B 48 -5.18 24.03 2.30
N THR B 49 -4.58 22.99 1.70
CA THR B 49 -4.50 21.64 2.24
C THR B 49 -4.15 21.71 3.73
N PRO B 50 -4.99 21.16 4.63
CA PRO B 50 -4.66 21.17 6.05
C PRO B 50 -3.22 20.71 6.24
N PRO B 51 -2.45 21.34 7.15
CA PRO B 51 -1.13 20.83 7.54
C PRO B 51 -1.23 19.37 8.02
N GLY B 52 -0.29 18.55 7.57
CA GLY B 52 -0.22 17.16 7.95
C GLY B 52 -0.71 16.25 6.83
N TRP B 53 -1.51 16.82 5.93
CA TRP B 53 -2.20 16.10 4.91
C TRP B 53 -1.75 16.53 3.51
N ILE B 54 -1.92 15.63 2.55
CA ILE B 54 -1.76 16.01 1.19
C ILE B 54 -3.15 15.95 0.54
N THR B 55 -3.34 16.71 -0.53
CA THR B 55 -4.49 16.61 -1.40
C THR B 55 -4.39 15.34 -2.24
N TYR B 56 -5.53 14.62 -2.34
CA TYR B 56 -5.69 13.43 -3.15
C TYR B 56 -6.54 13.86 -4.34
N ASP B 57 -5.94 13.85 -5.53
CA ASP B 57 -6.53 14.52 -6.71
C ASP B 57 -6.22 13.71 -7.95
N PRO B 58 -6.69 12.45 -8.03
CA PRO B 58 -6.32 11.55 -9.13
C PRO B 58 -6.88 11.83 -10.53
N ASN B 59 -7.95 12.66 -10.63
CA ASN B 59 -8.56 13.04 -11.93
C ASN B 59 -8.31 14.52 -12.24
N GLY B 60 -7.38 15.15 -11.50
CA GLY B 60 -6.97 16.55 -11.74
C GLY B 60 -8.11 17.55 -11.64
N LEU B 61 -8.84 17.54 -10.52
CA LEU B 61 -9.96 18.46 -10.31
C LEU B 61 -9.57 19.60 -9.39
N VAL B 62 -8.46 19.45 -8.66
CA VAL B 62 -8.05 20.41 -7.64
C VAL B 62 -6.72 21.02 -8.08
N PRO B 63 -6.72 22.36 -8.32
CA PRO B 63 -5.53 23.07 -8.78
C PRO B 63 -4.58 23.43 -7.64
N ALA B 64 -3.29 23.60 -7.98
CA ALA B 64 -2.21 23.89 -7.03
C ALA B 64 -2.37 25.30 -6.46
N LYS B 65 -2.81 26.23 -7.31
CA LYS B 65 -3.19 27.57 -6.88
C LYS B 65 -4.72 27.67 -6.87
N ARG B 66 -5.27 27.76 -5.58
CA ARG B 66 -6.75 27.77 -5.42
C ARG B 66 -7.30 29.17 -5.17
N THR B 67 -8.58 29.38 -5.46
CA THR B 67 -9.34 30.58 -5.18
C THR B 67 -10.55 30.16 -4.34
N ARG B 68 -11.45 31.12 -4.06
CA ARG B 68 -12.68 30.87 -3.28
C ARG B 68 -13.72 30.15 -4.17
N ILE B 69 -13.46 30.06 -5.48
CA ILE B 69 -14.43 29.55 -6.46
C ILE B 69 -13.92 28.26 -7.15
N THR B 70 -12.64 27.91 -7.00
CA THR B 70 -12.12 26.63 -7.49
C THR B 70 -12.51 25.50 -6.52
N SER B 71 -12.41 24.28 -7.02
CA SER B 71 -12.35 23.13 -6.16
C SER B 71 -11.25 23.43 -5.13
N ASN B 72 -11.47 22.99 -3.89
CA ASN B 72 -10.53 23.30 -2.85
C ASN B 72 -10.80 22.44 -1.62
N ASN B 73 -9.85 22.52 -0.70
CA ASN B 73 -9.95 21.90 0.59
C ASN B 73 -9.23 22.83 1.57
N GLY B 74 -9.42 22.58 2.87
CA GLY B 74 -8.94 23.45 3.92
C GLY B 74 -9.62 23.12 5.24
N VAL B 75 -9.42 23.97 6.25
CA VAL B 75 -10.05 23.79 7.56
C VAL B 75 -11.06 24.93 7.72
N GLY B 76 -12.03 24.72 8.61
CA GLY B 76 -13.15 25.60 8.77
C GLY B 76 -13.58 25.64 10.22
N TYR B 77 -13.53 26.85 10.80
CA TYR B 77 -13.93 27.10 12.17
C TYR B 77 -15.43 26.83 12.23
N THR B 78 -15.80 25.96 13.16
CA THR B 78 -17.11 25.40 13.31
C THR B 78 -17.34 25.33 14.82
N GLY B 79 -17.97 26.40 15.33
CA GLY B 79 -18.24 26.55 16.74
C GLY B 79 -19.74 26.54 17.02
N PRO B 80 -20.16 26.82 18.27
CA PRO B 80 -21.58 26.78 18.63
C PRO B 80 -22.50 27.72 17.83
N ASN B 81 -21.94 28.71 17.13
CA ASN B 81 -22.78 29.67 16.35
C ASN B 81 -22.77 29.35 14.84
N SER B 82 -22.00 28.33 14.41
CA SER B 82 -21.81 28.04 12.98
C SER B 82 -23.14 28.19 12.26
N ALA B 83 -23.09 28.78 11.06
CA ALA B 83 -24.24 28.89 10.15
C ALA B 83 -24.51 27.59 9.38
N TYR B 84 -23.57 26.63 9.41
CA TYR B 84 -23.57 25.43 8.52
C TYR B 84 -23.91 24.13 9.27
N TYR B 85 -23.78 24.12 10.60
CA TYR B 85 -24.05 22.95 11.45
C TYR B 85 -24.85 23.40 12.68
N ASN B 86 -25.73 22.51 13.18
CA ASN B 86 -26.51 22.75 14.39
C ASN B 86 -25.59 22.80 15.62
N HIS B 87 -24.70 21.81 15.72
CA HIS B 87 -23.74 21.64 16.82
C HIS B 87 -22.38 22.19 16.36
N LYS B 88 -21.46 22.40 17.30
CA LYS B 88 -20.08 22.74 16.99
C LYS B 88 -19.35 21.48 16.48
N ALA B 89 -18.19 21.72 15.89
CA ALA B 89 -17.29 20.70 15.48
C ALA B 89 -17.32 19.52 16.46
N PRO B 90 -17.33 18.29 15.93
CA PRO B 90 -17.21 17.10 16.78
C PRO B 90 -16.06 17.20 17.81
N GLU B 91 -14.93 17.79 17.40
CA GLU B 91 -13.73 17.92 18.22
C GLU B 91 -13.05 19.27 17.94
N GLY B 92 -12.56 19.93 18.99
CA GLY B 92 -11.89 21.24 18.87
C GLY B 92 -12.82 22.26 18.25
N ARG B 93 -12.32 23.18 17.48
CA ARG B 93 -13.23 24.18 16.87
C ARG B 93 -13.16 24.11 15.35
N ASN B 94 -12.31 23.27 14.71
CA ASN B 94 -12.21 23.14 13.26
C ASN B 94 -12.64 21.75 12.77
N VAL B 95 -13.18 21.74 11.55
CA VAL B 95 -13.38 20.54 10.69
C VAL B 95 -12.57 20.73 9.41
N ALA B 96 -12.29 19.64 8.70
CA ALA B 96 -11.77 19.67 7.34
C ALA B 96 -12.94 19.68 6.36
N TYR B 97 -12.74 20.28 5.19
CA TYR B 97 -13.72 20.27 4.12
C TYR B 97 -13.02 19.92 2.80
N VAL B 98 -13.77 19.29 1.90
CA VAL B 98 -13.35 19.01 0.54
C VAL B 98 -14.50 19.42 -0.37
N TYR B 99 -14.29 20.41 -1.23
CA TYR B 99 -15.32 20.95 -2.11
C TYR B 99 -14.83 20.75 -3.53
N LEU B 100 -15.72 20.20 -4.37
CA LEU B 100 -15.47 19.98 -5.80
C LEU B 100 -16.44 20.80 -6.63
N ALA B 101 -15.89 21.64 -7.50
CA ALA B 101 -16.71 22.59 -8.32
C ALA B 101 -17.26 21.89 -9.56
N GLN B 102 -16.58 20.83 -10.02
CA GLN B 102 -16.93 20.18 -11.27
C GLN B 102 -18.30 19.49 -11.15
N GLU B 103 -18.83 19.04 -12.29
CA GLU B 103 -20.14 18.40 -12.43
C GLU B 103 -20.09 17.01 -11.79
N ILE B 104 -21.27 16.49 -11.40
CA ILE B 104 -21.30 15.17 -10.83
C ILE B 104 -20.72 14.23 -11.91
N GLY B 105 -19.90 13.28 -11.48
CA GLY B 105 -19.28 12.29 -12.36
C GLY B 105 -17.90 12.69 -12.85
N SER B 106 -17.43 13.89 -12.52
CA SER B 106 -16.17 14.39 -13.08
C SER B 106 -14.99 13.68 -12.43
N GLY B 107 -15.21 13.03 -11.29
CA GLY B 107 -14.13 12.32 -10.55
C GLY B 107 -14.27 12.40 -9.03
N ILE B 108 -13.17 12.13 -8.34
CA ILE B 108 -13.14 12.11 -6.89
C ILE B 108 -11.88 12.86 -6.44
N ALA B 109 -11.96 13.42 -5.24
CA ALA B 109 -10.84 14.04 -4.59
C ALA B 109 -11.07 14.01 -3.10
N GLY B 110 -10.04 14.34 -2.35
CA GLY B 110 -10.11 14.32 -0.91
C GLY B 110 -8.76 14.61 -0.30
N LEU B 111 -8.53 14.02 0.87
CA LEU B 111 -7.38 14.29 1.73
C LEU B 111 -6.73 12.94 2.06
N GLU B 112 -5.40 12.91 2.08
CA GLU B 112 -4.63 11.72 2.29
C GLU B 112 -3.50 12.04 3.28
N GLN B 113 -3.13 11.05 4.08
CA GLN B 113 -1.98 11.15 4.97
C GLN B 113 -1.34 9.76 5.12
N THR B 114 -0.08 9.63 4.71
CA THR B 114 0.75 8.47 4.96
C THR B 114 1.26 8.56 6.40
N LEU B 115 1.11 7.49 7.19
CA LEU B 115 1.47 7.56 8.62
C LEU B 115 2.87 6.95 8.82
N ASP B 116 3.42 7.15 10.01
CA ASP B 116 4.67 6.52 10.42
C ASP B 116 4.47 5.00 10.51
N ALA B 117 3.44 4.59 11.26
CA ALA B 117 3.23 3.21 11.64
C ALA B 117 2.94 2.36 10.40
N VAL B 118 3.33 1.09 10.44
CA VAL B 118 3.18 0.20 9.32
C VAL B 118 2.16 -0.89 9.65
N LEU B 119 1.78 -1.61 8.60
CA LEU B 119 0.84 -2.72 8.71
C LEU B 119 1.53 -3.91 9.41
N LYS B 120 1.04 -4.29 10.60
CA LYS B 120 1.54 -5.43 11.42
C LYS B 120 0.58 -6.63 11.37
N PRO B 121 1.10 -7.87 11.46
CA PRO B 121 0.24 -9.05 11.36
C PRO B 121 -0.50 -9.25 12.68
N ASN B 122 -1.66 -9.93 12.62
CA ASN B 122 -2.43 -10.32 13.85
C ASN B 122 -2.85 -9.07 14.63
N THR B 123 -3.16 -8.00 13.89
CA THR B 123 -3.56 -6.74 14.46
C THR B 123 -4.86 -6.29 13.81
N LYS B 124 -5.80 -5.83 14.64
CA LYS B 124 -7.06 -5.24 14.24
C LYS B 124 -6.95 -3.71 14.31
N TYR B 125 -7.12 -3.05 13.17
CA TYR B 125 -7.15 -1.64 13.04
C TYR B 125 -8.59 -1.12 13.03
N THR B 126 -8.86 -0.08 13.81
CA THR B 126 -10.15 0.59 13.86
C THR B 126 -9.92 2.06 13.48
N LEU B 127 -10.37 2.46 12.29
CA LEU B 127 -10.34 3.86 11.85
C LEU B 127 -11.71 4.48 12.09
N THR B 128 -11.77 5.55 12.87
CA THR B 128 -13.03 6.24 13.03
C THR B 128 -12.83 7.68 12.60
N VAL B 129 -13.87 8.24 12.01
CA VAL B 129 -13.83 9.60 11.55
C VAL B 129 -15.26 10.12 11.49
N ASP B 130 -15.44 11.38 11.84
CA ASP B 130 -16.76 12.01 11.83
C ASP B 130 -16.90 12.67 10.46
N ILE B 131 -18.10 12.59 9.90
CA ILE B 131 -18.38 13.05 8.57
C ILE B 131 -19.50 14.05 8.68
N GLY B 132 -19.38 15.16 7.96
CA GLY B 132 -20.28 16.27 8.10
C GLY B 132 -20.94 16.63 6.79
N ASN B 133 -22.25 16.84 6.88
CA ASN B 133 -23.09 17.33 5.81
C ASN B 133 -23.38 18.82 6.07
N SER B 134 -22.52 19.71 5.56
CA SER B 134 -22.78 21.16 5.73
C SER B 134 -24.19 21.46 5.19
N GLY B 135 -24.97 22.23 5.94
CA GLY B 135 -26.28 22.73 5.50
C GLY B 135 -26.42 24.25 5.61
N GLY B 136 -27.67 24.73 5.53
CA GLY B 136 -27.98 26.16 5.55
C GLY B 136 -27.69 26.77 4.21
N SER B 137 -26.96 27.90 4.22
CA SER B 137 -26.60 28.65 3.00
C SER B 137 -25.34 29.49 3.25
N PHE B 138 -24.63 29.84 2.17
CA PHE B 138 -23.52 30.82 2.21
C PHE B 138 -23.80 31.96 1.23
N GLN B 139 -24.04 33.16 1.78
CA GLN B 139 -24.42 34.37 1.01
C GLN B 139 -25.51 33.99 0.00
N GLY B 140 -26.63 33.44 0.51
CA GLY B 140 -27.79 33.12 -0.32
C GLY B 140 -27.76 31.73 -0.97
N PHE B 141 -26.56 31.26 -1.38
CA PHE B 141 -26.36 29.97 -2.12
C PHE B 141 -26.63 28.78 -1.20
N PRO B 142 -27.58 27.87 -1.51
CA PRO B 142 -27.94 26.79 -0.60
C PRO B 142 -26.88 25.69 -0.55
N LEU B 143 -26.78 25.05 0.62
CA LEU B 143 -25.85 24.01 0.83
C LEU B 143 -26.55 22.63 0.92
N ASP B 144 -27.86 22.54 0.67
CA ASP B 144 -28.51 21.20 0.73
C ASP B 144 -28.00 20.37 -0.44
N GLY B 145 -28.13 19.05 -0.26
CA GLY B 145 -27.43 18.08 -1.06
C GLY B 145 -26.09 17.75 -0.44
N PHE B 146 -25.52 16.64 -0.91
CA PHE B 146 -24.38 16.00 -0.30
C PHE B 146 -23.70 15.17 -1.40
N PRO B 147 -22.38 15.22 -1.53
CA PRO B 147 -21.72 14.42 -2.54
C PRO B 147 -21.42 12.97 -2.14
N GLY B 148 -21.81 12.56 -0.93
CA GLY B 148 -21.38 11.26 -0.37
C GLY B 148 -20.01 11.40 0.23
N TYR B 149 -19.48 10.29 0.75
CA TYR B 149 -18.19 10.23 1.31
C TYR B 149 -17.62 8.84 1.03
N ARG B 150 -16.29 8.72 1.06
CA ARG B 150 -15.65 7.44 1.20
C ARG B 150 -14.44 7.59 2.15
N VAL B 151 -14.24 6.60 3.02
CA VAL B 151 -13.17 6.57 4.00
C VAL B 151 -12.37 5.28 3.78
N GLU B 152 -11.05 5.45 3.68
CA GLU B 152 -10.14 4.39 3.30
C GLU B 152 -8.99 4.27 4.32
N LEU B 153 -8.71 3.03 4.71
CA LEU B 153 -7.51 2.68 5.38
C LEU B 153 -6.57 2.08 4.33
N LEU B 154 -5.33 2.57 4.26
CA LEU B 154 -4.36 2.13 3.26
C LEU B 154 -3.18 1.45 3.94
N ALA B 155 -2.54 0.57 3.19
CA ALA B 155 -1.17 0.17 3.38
C ALA B 155 -0.46 0.44 2.06
N GLY B 156 0.51 1.33 2.09
CA GLY B 156 1.16 1.76 0.88
C GLY B 156 0.16 2.51 0.05
N ASP B 157 -0.01 2.04 -1.18
CA ASP B 157 -0.91 2.65 -2.16
C ASP B 157 -2.18 1.79 -2.31
N THR B 158 -2.33 0.78 -1.44
CA THR B 158 -3.40 -0.15 -1.52
C THR B 158 -4.46 0.21 -0.48
N VAL B 159 -5.73 0.18 -0.92
CA VAL B 159 -6.95 0.28 -0.05
C VAL B 159 -7.16 -1.09 0.59
N LEU B 160 -6.89 -1.17 1.88
CA LEU B 160 -7.14 -2.38 2.62
C LEU B 160 -8.63 -2.56 2.90
N ALA B 161 -9.28 -1.49 3.38
CA ALA B 161 -10.67 -1.49 3.80
C ALA B 161 -11.30 -0.11 3.55
N ALA B 162 -12.62 -0.09 3.34
CA ALA B 162 -13.28 1.17 3.02
C ALA B 162 -14.79 1.11 3.28
N ASP B 163 -15.31 2.29 3.65
CA ASP B 163 -16.71 2.56 3.79
C ASP B 163 -17.05 3.63 2.76
N GLN B 164 -17.98 3.32 1.86
CA GLN B 164 -18.59 4.36 1.03
C GLN B 164 -20.10 4.34 1.32
N ASN B 165 -20.57 5.48 1.84
CA ASN B 165 -21.96 5.91 2.01
C ASN B 165 -22.83 4.90 2.73
N ASN B 166 -22.26 4.13 3.64
CA ASN B 166 -23.03 3.25 4.49
C ASN B 166 -23.86 4.07 5.49
N LEU B 167 -23.38 5.28 5.80
CA LEU B 167 -24.11 6.20 6.70
C LEU B 167 -24.84 7.26 5.91
N TYR B 168 -26.09 7.52 6.32
CA TYR B 168 -26.86 8.70 5.90
C TYR B 168 -26.60 9.89 6.84
N ILE B 169 -26.20 11.04 6.29
CA ILE B 169 -25.88 12.21 7.11
C ILE B 169 -26.88 13.30 6.76
N LYS B 170 -27.72 13.70 7.72
CA LYS B 170 -28.69 14.80 7.54
C LYS B 170 -27.95 16.12 7.39
N GLU B 171 -28.60 17.09 6.74
CA GLU B 171 -28.10 18.50 6.64
C GLU B 171 -27.85 19.02 8.06
N LYS B 172 -26.71 19.69 8.25
CA LYS B 172 -26.32 20.34 9.49
C LYS B 172 -25.78 19.34 10.53
N ASP B 173 -25.67 18.05 10.19
CA ASP B 173 -25.30 17.00 11.18
C ASP B 173 -23.89 16.44 10.86
N PHE B 174 -23.29 15.81 11.87
CA PHE B 174 -22.12 14.98 11.73
C PHE B 174 -22.47 13.55 12.22
N LYS B 175 -21.91 12.51 11.59
CA LYS B 175 -22.02 11.16 12.09
C LYS B 175 -20.65 10.49 12.03
N THR B 176 -20.43 9.52 12.93
CA THR B 176 -19.15 8.82 13.00
C THR B 176 -19.22 7.51 12.23
N THR B 177 -18.25 7.29 11.34
CA THR B 177 -18.07 6.05 10.69
C THR B 177 -16.89 5.33 11.32
N THR B 178 -16.93 4.00 11.22
CA THR B 178 -15.92 3.10 11.66
C THR B 178 -15.51 2.18 10.49
N VAL B 179 -14.22 2.14 10.17
CA VAL B 179 -13.68 1.24 9.21
C VAL B 179 -12.71 0.34 9.98
N THR B 180 -12.86 -0.98 9.81
CA THR B 180 -12.06 -1.94 10.56
C THR B 180 -11.31 -2.86 9.58
N PHE B 181 -10.08 -3.24 9.94
CA PHE B 181 -9.38 -4.20 9.13
C PHE B 181 -8.49 -5.07 10.02
N ILE B 182 -8.40 -6.35 9.64
CA ILE B 182 -7.47 -7.29 10.31
C ILE B 182 -6.50 -7.82 9.26
N ALA B 183 -5.22 -7.67 9.56
CA ALA B 183 -4.10 -8.15 8.74
C ALA B 183 -3.66 -9.53 9.28
N THR B 184 -3.63 -10.53 8.41
CA THR B 184 -3.19 -11.87 8.74
C THR B 184 -1.69 -11.96 8.51
N PRO B 185 -1.00 -12.90 9.20
CA PRO B 185 0.43 -13.13 8.96
C PRO B 185 0.84 -13.35 7.49
N GLU B 186 -0.11 -13.69 6.60
CA GLU B 186 0.21 -14.01 5.19
C GLU B 186 -0.20 -12.82 4.29
N SER B 187 -0.41 -11.64 4.90
CA SER B 187 -0.78 -10.41 4.14
C SER B 187 0.39 -9.94 3.28
N PRO B 188 0.14 -9.56 2.01
CA PRO B 188 1.21 -9.07 1.15
C PRO B 188 1.71 -7.65 1.47
N TYR B 189 1.01 -6.90 2.34
CA TYR B 189 1.30 -5.46 2.55
C TYR B 189 1.96 -5.20 3.92
N LEU B 190 2.35 -6.27 4.63
CA LEU B 190 3.00 -6.09 5.92
C LEU B 190 4.24 -5.20 5.71
N GLY B 191 4.51 -4.29 6.65
CA GLY B 191 5.70 -3.44 6.58
C GLY B 191 5.50 -2.20 5.72
N GLN B 192 4.38 -2.11 4.98
CA GLN B 192 4.03 -0.86 4.24
C GLN B 192 3.38 0.13 5.22
N HIS B 193 3.54 1.42 4.94
CA HIS B 193 3.02 2.49 5.80
C HIS B 193 1.50 2.54 5.74
N LEU B 194 0.85 2.66 6.91
CA LEU B 194 -0.56 2.85 6.99
C LEU B 194 -0.87 4.22 6.45
N GLY B 195 -2.06 4.35 5.87
CA GLY B 195 -2.56 5.63 5.40
C GLY B 195 -4.06 5.77 5.61
N ILE B 196 -4.51 7.02 5.56
CA ILE B 196 -5.90 7.37 5.68
C ILE B 196 -6.29 8.20 4.45
N ARG B 197 -7.41 7.87 3.80
CA ARG B 197 -7.97 8.74 2.76
C ARG B 197 -9.40 9.09 3.13
N LEU B 198 -9.75 10.37 3.01
CA LEU B 198 -11.06 10.92 3.26
C LEU B 198 -11.49 11.58 1.97
N ILE B 199 -12.55 11.02 1.35
CA ILE B 199 -12.83 11.24 -0.09
C ILE B 199 -14.23 11.79 -0.31
N ASN B 200 -14.28 12.82 -1.16
CA ASN B 200 -15.48 13.39 -1.77
C ASN B 200 -15.66 12.74 -3.14
N PRO B 201 -16.62 11.83 -3.29
CA PRO B 201 -16.80 11.15 -4.58
C PRO B 201 -17.74 11.84 -5.60
N LEU B 202 -18.09 13.10 -5.33
CA LEU B 202 -18.86 13.93 -6.25
C LEU B 202 -20.14 13.20 -6.75
N GLN B 203 -20.90 12.66 -5.82
CA GLN B 203 -22.12 11.93 -6.14
C GLN B 203 -23.35 12.76 -5.79
N GLY B 204 -23.24 14.08 -5.86
CA GLY B 204 -24.32 14.95 -5.49
C GLY B 204 -23.85 16.34 -5.17
N LYS B 205 -24.81 17.27 -5.19
CA LYS B 205 -24.59 18.69 -5.06
C LYS B 205 -25.66 19.20 -4.09
N PHE B 206 -25.28 20.07 -3.13
CA PHE B 206 -24.00 20.76 -3.06
C PHE B 206 -22.83 19.80 -2.74
N SER B 207 -21.73 19.92 -3.48
CA SER B 207 -20.72 18.89 -3.52
C SER B 207 -19.57 19.23 -2.57
N GLY B 208 -19.93 19.48 -1.31
CA GLY B 208 -19.01 19.64 -0.23
C GLY B 208 -19.25 18.60 0.86
N VAL B 209 -18.17 18.07 1.44
CA VAL B 209 -18.29 17.16 2.55
C VAL B 209 -17.20 17.47 3.55
N ASP B 210 -17.50 17.29 4.84
CA ASP B 210 -16.58 17.67 5.89
C ASP B 210 -16.11 16.45 6.68
N PHE B 211 -14.95 16.56 7.30
CA PHE B 211 -14.44 15.51 8.16
C PHE B 211 -13.90 16.12 9.46
N ASP B 212 -13.78 15.29 10.50
CA ASP B 212 -13.21 15.72 11.79
C ASP B 212 -12.83 14.49 12.62
N ASN B 213 -11.89 14.70 13.55
CA ASN B 213 -11.64 13.76 14.68
C ASN B 213 -11.21 12.39 14.13
N VAL B 214 -10.22 12.36 13.26
CA VAL B 214 -9.72 11.11 12.76
C VAL B 214 -8.99 10.42 13.93
N ARG B 215 -9.19 9.09 14.06
CA ARG B 215 -8.49 8.28 15.05
C ARG B 215 -8.20 6.93 14.39
N LEU B 216 -7.02 6.40 14.67
CA LEU B 216 -6.71 5.03 14.33
C LEU B 216 -6.16 4.30 15.55
N THR B 217 -6.73 3.13 15.88
CA THR B 217 -6.27 2.28 16.96
C THR B 217 -5.86 0.91 16.41
N ALA B 218 -4.92 0.26 17.12
CA ALA B 218 -4.46 -1.08 16.87
C ALA B 218 -4.68 -1.92 18.12
N GLU B 219 -4.92 -3.21 17.94
CA GLU B 219 -5.08 -4.13 19.07
C GLU B 219 -4.76 -5.53 18.56
N PRO B 220 -4.28 -6.46 19.40
CA PRO B 220 -3.99 -7.82 18.93
C PRO B 220 -5.29 -8.42 18.39
N ALA B 221 -5.18 -9.22 17.33
CA ALA B 221 -6.33 -9.90 16.79
C ALA B 221 -5.99 -11.39 16.56
N GLU B 222 -6.99 -12.27 16.82
CA GLU B 222 -6.96 -13.69 16.41
C GLU B 222 -6.95 -13.80 14.88
N SER C 23 24.34 -19.06 -5.09
CA SER C 23 24.75 -19.94 -6.24
C SER C 23 24.97 -19.08 -7.50
N ALA C 24 24.00 -18.18 -7.76
CA ALA C 24 24.04 -17.19 -8.85
C ALA C 24 24.95 -16.03 -8.45
N VAL C 25 25.17 -15.10 -9.40
CA VAL C 25 26.10 -13.95 -9.27
C VAL C 25 25.53 -12.77 -10.06
N SER C 26 25.18 -11.67 -9.38
CA SER C 26 24.67 -10.50 -10.09
C SER C 26 25.80 -9.93 -10.96
N ILE C 27 25.48 -9.61 -12.21
CA ILE C 27 26.41 -9.00 -13.11
C ILE C 27 26.20 -7.49 -13.07
N PRO C 28 27.24 -6.68 -12.75
CA PRO C 28 27.10 -5.23 -12.70
C PRO C 28 26.52 -4.63 -14.00
N ILE C 29 25.41 -3.92 -13.82
CA ILE C 29 24.71 -3.12 -14.84
C ILE C 29 24.64 -1.66 -14.37
N LYS C 30 25.03 -0.73 -15.26
CA LYS C 30 24.92 0.71 -14.98
C LYS C 30 23.45 1.16 -15.07
N ASN C 31 22.99 1.88 -14.05
CA ASN C 31 21.69 2.57 -14.07
C ASN C 31 20.63 1.53 -14.45
N ALA C 32 20.77 0.35 -13.85
CA ALA C 32 20.01 -0.84 -14.21
C ALA C 32 18.50 -0.62 -13.98
N GLY C 33 18.14 0.39 -13.17
CA GLY C 33 16.72 0.71 -12.87
C GLY C 33 16.28 2.03 -13.47
N PHE C 34 17.16 2.64 -14.27
CA PHE C 34 16.97 3.96 -14.87
C PHE C 34 16.64 5.00 -13.77
N GLU C 35 17.25 4.82 -12.59
CA GLU C 35 16.95 5.67 -11.43
C GLU C 35 17.71 7.01 -11.53
N GLU C 36 18.73 7.08 -12.39
CA GLU C 36 19.42 8.32 -12.70
C GLU C 36 18.98 8.82 -14.08
N PRO C 37 18.86 10.14 -14.26
CA PRO C 37 18.89 11.15 -13.22
C PRO C 37 17.64 11.12 -12.32
N SER C 38 17.79 11.52 -11.06
CA SER C 38 16.62 11.59 -10.17
C SER C 38 15.66 12.67 -10.67
N LEU C 39 14.35 12.42 -10.52
CA LEU C 39 13.31 13.41 -10.88
C LEU C 39 12.48 13.72 -9.62
N THR C 40 11.93 14.95 -9.54
CA THR C 40 11.12 15.43 -8.38
C THR C 40 9.63 15.51 -8.74
N VAL C 41 9.33 16.19 -9.86
CA VAL C 41 7.99 16.26 -10.46
C VAL C 41 7.58 14.85 -10.95
N GLU C 42 6.44 14.37 -10.43
CA GLU C 42 5.90 13.06 -10.80
C GLU C 42 5.29 13.15 -12.20
N ASP C 43 5.14 11.99 -12.85
CA ASP C 43 4.53 11.85 -14.20
C ASP C 43 5.29 12.70 -15.23
N TYR C 44 6.56 13.03 -14.98
CA TYR C 44 7.38 13.78 -15.92
C TYR C 44 8.56 12.91 -16.37
N TYR C 45 9.24 13.31 -17.45
CA TYR C 45 10.26 12.51 -18.14
C TYR C 45 11.49 13.35 -18.50
N THR C 46 12.41 12.76 -19.29
CA THR C 46 13.43 13.48 -20.05
C THR C 46 13.39 12.97 -21.50
N ILE C 47 14.19 13.59 -22.36
CA ILE C 47 14.29 13.23 -23.77
C ILE C 47 15.75 12.94 -24.17
N ASP C 48 16.62 12.69 -23.18
CA ASP C 48 18.02 12.32 -23.46
C ASP C 48 18.31 10.88 -22.98
N THR C 49 19.17 10.19 -23.76
CA THR C 49 19.49 8.81 -23.52
C THR C 49 19.83 8.65 -22.05
N PRO C 50 19.20 7.69 -21.35
CA PRO C 50 19.42 7.51 -19.92
C PRO C 50 20.89 7.20 -19.62
N PRO C 51 21.50 7.86 -18.62
CA PRO C 51 22.93 7.71 -18.35
C PRO C 51 23.17 6.22 -18.07
N GLY C 52 24.36 5.74 -18.46
CA GLY C 52 24.75 4.33 -18.40
C GLY C 52 24.41 3.54 -19.67
N TRP C 53 23.46 4.02 -20.47
CA TRP C 53 22.92 3.34 -21.63
C TRP C 53 23.33 4.13 -22.86
N ILE C 54 23.11 3.56 -24.05
CA ILE C 54 23.35 4.19 -25.33
C ILE C 54 22.13 3.92 -26.21
N THR C 55 21.92 4.80 -27.19
CA THR C 55 20.81 4.71 -28.12
C THR C 55 21.17 3.74 -29.25
N TYR C 56 20.33 2.72 -29.37
CA TYR C 56 20.39 1.72 -30.38
C TYR C 56 19.48 2.21 -31.50
N ASP C 57 20.08 2.48 -32.65
CA ASP C 57 19.36 3.13 -33.69
C ASP C 57 19.86 2.61 -35.03
N PRO C 58 19.62 1.32 -35.35
CA PRO C 58 20.19 0.73 -36.55
C PRO C 58 19.72 1.29 -37.91
N ASN C 59 18.61 2.03 -37.90
CA ASN C 59 18.00 2.61 -39.10
C ASN C 59 17.97 4.15 -39.05
N GLY C 60 18.75 4.77 -38.16
CA GLY C 60 18.81 6.27 -38.01
C GLY C 60 17.43 6.96 -37.97
N LEU C 61 16.55 6.48 -37.09
CA LEU C 61 15.25 7.10 -36.83
C LEU C 61 15.29 8.08 -35.66
N VAL C 62 16.42 8.14 -34.95
CA VAL C 62 16.56 8.90 -33.73
C VAL C 62 17.64 9.95 -33.94
N PRO C 63 17.23 11.24 -34.05
CA PRO C 63 18.17 12.36 -34.15
C PRO C 63 18.94 12.65 -32.85
N ALA C 64 20.05 13.38 -32.96
CA ALA C 64 20.88 13.80 -31.80
C ALA C 64 20.12 14.87 -31.00
N LYS C 65 19.67 15.90 -31.74
CA LYS C 65 18.82 16.95 -31.22
C LYS C 65 17.36 16.46 -31.28
N ARG C 66 16.84 16.13 -30.09
CA ARG C 66 15.49 15.63 -29.92
C ARG C 66 14.60 16.72 -29.32
N THR C 67 13.29 16.58 -29.53
CA THR C 67 12.27 17.39 -28.91
C THR C 67 11.37 16.44 -28.13
N ARG C 68 10.17 16.92 -27.76
CA ARG C 68 9.27 16.13 -26.98
C ARG C 68 8.33 15.40 -27.97
N ILE C 69 8.52 15.62 -29.28
CA ILE C 69 7.63 15.09 -30.32
C ILE C 69 8.36 14.27 -31.40
N THR C 70 9.70 14.26 -31.37
CA THR C 70 10.45 13.39 -32.29
C THR C 70 10.49 11.99 -31.67
N SER C 71 10.99 11.02 -32.45
CA SER C 71 11.48 9.80 -31.89
C SER C 71 12.52 10.16 -30.82
N ASN C 72 12.35 9.60 -29.62
CA ASN C 72 13.22 9.92 -28.54
C ASN C 72 13.20 8.76 -27.54
N ASN C 73 13.96 8.94 -26.45
CA ASN C 73 14.06 8.02 -25.36
C ASN C 73 14.54 8.81 -24.13
N GLY C 74 14.40 8.22 -22.93
CA GLY C 74 14.73 8.88 -21.67
C GLY C 74 14.13 8.16 -20.46
N VAL C 75 14.04 8.86 -19.33
CA VAL C 75 13.52 8.26 -18.09
C VAL C 75 12.24 8.99 -17.68
N GLY C 76 11.37 8.26 -16.94
CA GLY C 76 10.02 8.72 -16.61
C GLY C 76 9.63 8.42 -15.16
N TYR C 77 9.22 9.47 -14.43
CA TYR C 77 8.67 9.35 -13.06
C TYR C 77 7.31 8.63 -13.12
N THR C 78 7.28 7.43 -12.52
CA THR C 78 6.10 6.61 -12.32
C THR C 78 6.03 6.31 -10.81
N GLY C 79 5.27 7.13 -10.09
CA GLY C 79 4.90 6.87 -8.70
C GLY C 79 3.49 6.31 -8.62
N PRO C 80 2.87 6.24 -7.41
CA PRO C 80 1.43 6.06 -7.30
C PRO C 80 0.87 7.36 -7.88
N ASN C 81 -0.39 7.38 -8.35
CA ASN C 81 -0.93 8.62 -8.92
C ASN C 81 -0.14 8.92 -10.21
N SER C 82 -0.24 7.98 -11.15
CA SER C 82 0.37 8.10 -12.46
C SER C 82 -0.74 7.86 -13.48
N ALA C 83 -0.91 8.79 -14.42
CA ALA C 83 -1.97 8.72 -15.43
C ALA C 83 -1.82 7.49 -16.34
N TYR C 84 -0.58 6.96 -16.46
CA TYR C 84 -0.19 5.99 -17.51
C TYR C 84 0.00 4.56 -17.00
N TYR C 85 0.13 4.35 -15.68
CA TYR C 85 0.29 3.01 -15.08
C TYR C 85 -0.56 2.87 -13.80
N ASN C 86 -1.34 1.78 -13.74
CA ASN C 86 -2.27 1.49 -12.63
C ASN C 86 -1.50 1.48 -11.31
N HIS C 87 -0.22 1.09 -11.38
CA HIS C 87 0.68 1.04 -10.25
C HIS C 87 1.93 1.86 -10.58
N LYS C 88 2.80 2.00 -9.58
CA LYS C 88 4.08 2.72 -9.69
C LYS C 88 5.12 1.84 -10.42
N ALA C 89 6.33 2.38 -10.59
CA ALA C 89 7.47 1.70 -11.24
C ALA C 89 7.74 0.35 -10.58
N PRO C 90 7.98 -0.72 -11.37
CA PRO C 90 8.39 -2.01 -10.81
C PRO C 90 9.49 -1.87 -9.76
N GLU C 91 10.41 -0.93 -10.00
CA GLU C 91 11.53 -0.64 -9.13
C GLU C 91 11.75 0.89 -9.10
N GLY C 92 12.03 1.40 -7.87
CA GLY C 92 12.24 2.83 -7.57
C GLY C 92 11.16 3.73 -8.14
N ARG C 93 11.55 4.95 -8.53
CA ARG C 93 10.64 5.97 -9.04
C ARG C 93 10.59 5.94 -10.58
N ASN C 94 11.67 5.45 -11.22
CA ASN C 94 11.92 5.69 -12.64
C ASN C 94 11.77 4.41 -13.48
N VAL C 95 11.14 4.59 -14.65
CA VAL C 95 11.17 3.62 -15.77
C VAL C 95 11.72 4.33 -17.02
N ALA C 96 12.35 3.56 -17.92
CA ALA C 96 12.86 4.03 -19.21
C ALA C 96 11.76 3.95 -20.27
N TYR C 97 11.94 4.66 -21.38
CA TYR C 97 10.97 4.60 -22.48
C TYR C 97 11.69 4.83 -23.83
N VAL C 98 11.13 4.22 -24.87
CA VAL C 98 11.58 4.38 -26.21
C VAL C 98 10.37 4.68 -27.07
N TYR C 99 10.31 5.90 -27.63
CA TYR C 99 9.25 6.30 -28.51
C TYR C 99 9.78 6.43 -29.95
N LEU C 100 8.97 5.97 -30.91
CA LEU C 100 9.28 6.12 -32.32
C LEU C 100 8.15 6.84 -33.03
N ALA C 101 8.49 7.90 -33.76
CA ALA C 101 7.52 8.81 -34.36
C ALA C 101 7.13 8.36 -35.77
N GLN C 102 7.99 7.57 -36.43
CA GLN C 102 7.86 7.23 -37.84
C GLN C 102 6.74 6.21 -38.05
N GLU C 103 6.29 6.09 -39.30
CA GLU C 103 5.36 5.05 -39.83
C GLU C 103 5.77 3.65 -39.35
N ILE C 104 4.81 2.72 -39.20
CA ILE C 104 5.21 1.36 -38.85
C ILE C 104 5.88 0.76 -40.10
N GLY C 105 6.94 -0.02 -39.88
CA GLY C 105 7.79 -0.61 -40.94
C GLY C 105 8.99 0.25 -41.27
N SER C 106 9.19 1.35 -40.53
CA SER C 106 10.29 2.30 -40.75
C SER C 106 11.62 1.74 -40.19
N GLY C 107 11.53 0.76 -39.28
CA GLY C 107 12.72 0.21 -38.59
C GLY C 107 12.50 0.10 -37.09
N ILE C 108 13.60 0.01 -36.34
CA ILE C 108 13.54 -0.30 -34.93
C ILE C 108 14.58 0.54 -34.19
N ALA C 109 14.38 0.68 -32.88
CA ALA C 109 15.26 1.49 -32.09
C ALA C 109 15.09 1.02 -30.65
N GLY C 110 16.00 1.44 -29.77
CA GLY C 110 15.94 1.05 -28.40
C GLY C 110 17.12 1.53 -27.59
N LEU C 111 17.34 0.83 -26.46
CA LEU C 111 18.44 1.10 -25.55
C LEU C 111 19.33 -0.13 -25.50
N GLU C 112 20.61 0.12 -25.25
CA GLU C 112 21.70 -0.84 -25.28
C GLU C 112 22.74 -0.46 -24.20
N GLN C 113 23.42 -1.45 -23.66
CA GLN C 113 24.54 -1.21 -22.78
C GLN C 113 25.47 -2.43 -22.84
N THR C 114 26.72 -2.19 -23.25
CA THR C 114 27.80 -3.16 -23.13
C THR C 114 28.20 -3.26 -21.66
N LEU C 115 28.42 -4.48 -21.17
CA LEU C 115 28.80 -4.67 -19.79
C LEU C 115 30.31 -4.91 -19.69
N ASP C 116 30.83 -4.89 -18.47
CA ASP C 116 32.24 -5.19 -18.17
C ASP C 116 32.54 -6.70 -18.33
N ALA C 117 31.65 -7.53 -17.79
CA ALA C 117 31.78 -8.97 -17.90
C ALA C 117 31.78 -9.40 -19.37
N VAL C 118 32.42 -10.55 -19.62
CA VAL C 118 32.48 -11.18 -20.96
C VAL C 118 31.80 -12.56 -20.88
N LEU C 119 31.49 -13.13 -22.04
CA LEU C 119 30.84 -14.44 -22.14
C LEU C 119 31.81 -15.53 -21.67
N LYS C 120 31.41 -16.24 -20.60
CA LYS C 120 32.16 -17.34 -20.02
C LYS C 120 31.55 -18.67 -20.48
N PRO C 121 32.36 -19.71 -20.71
CA PRO C 121 31.81 -21.03 -21.08
C PRO C 121 31.12 -21.70 -19.89
N ASN C 122 30.32 -22.74 -20.15
CA ASN C 122 29.61 -23.55 -19.10
C ASN C 122 28.98 -22.61 -18.06
N THR C 123 28.31 -21.57 -18.56
CA THR C 123 27.68 -20.54 -17.77
C THR C 123 26.29 -20.29 -18.36
N LYS C 124 25.30 -20.25 -17.48
CA LYS C 124 23.94 -19.93 -17.80
C LYS C 124 23.66 -18.50 -17.36
N TYR C 125 23.26 -17.67 -18.32
CA TYR C 125 22.93 -16.28 -18.11
C TYR C 125 21.40 -16.11 -18.00
N THR C 126 20.95 -15.31 -17.05
CA THR C 126 19.52 -15.01 -16.88
C THR C 126 19.26 -13.49 -16.92
N LEU C 127 18.60 -13.04 -18.00
CA LEU C 127 18.29 -11.63 -18.19
C LEU C 127 16.79 -11.43 -17.98
N THR C 128 16.47 -10.61 -16.98
CA THR C 128 15.10 -10.29 -16.54
C THR C 128 14.86 -8.78 -16.68
N VAL C 129 13.71 -8.39 -17.22
CA VAL C 129 13.40 -6.99 -17.40
C VAL C 129 11.88 -6.81 -17.44
N ASP C 130 11.42 -5.69 -16.89
CA ASP C 130 10.02 -5.35 -16.74
C ASP C 130 9.64 -4.49 -17.95
N ILE C 131 8.56 -4.85 -18.64
CA ILE C 131 8.17 -4.20 -19.88
C ILE C 131 6.78 -3.55 -19.73
N GLY C 132 6.71 -2.28 -20.10
CA GLY C 132 5.57 -1.45 -19.78
C GLY C 132 4.87 -0.92 -21.01
N ASN C 133 3.58 -1.22 -21.07
CA ASN C 133 2.67 -0.66 -22.02
C ASN C 133 2.09 0.60 -21.38
N SER C 134 2.63 1.75 -21.79
CA SER C 134 2.09 3.06 -21.45
C SER C 134 0.60 3.05 -21.75
N GLY C 135 -0.21 3.64 -20.86
CA GLY C 135 -1.64 3.64 -21.02
C GLY C 135 -2.25 5.02 -20.82
N GLY C 136 -3.59 5.03 -20.83
CA GLY C 136 -4.35 6.24 -20.55
C GLY C 136 -4.20 7.22 -21.69
N SER C 137 -3.73 8.43 -21.36
CA SER C 137 -3.70 9.53 -22.30
C SER C 137 -2.88 10.70 -21.73
N PHE C 138 -2.38 11.53 -22.66
CA PHE C 138 -1.53 12.70 -22.37
C PHE C 138 -1.76 13.76 -23.46
N GLN C 139 -2.08 15.01 -23.04
CA GLN C 139 -2.35 16.17 -23.94
C GLN C 139 -3.51 15.85 -24.90
N GLY C 140 -4.48 15.06 -24.43
CA GLY C 140 -5.55 14.52 -25.27
C GLY C 140 -5.04 13.50 -26.29
N PHE C 141 -3.70 13.34 -26.37
CA PHE C 141 -3.05 12.35 -27.22
C PHE C 141 -3.23 10.96 -26.61
N PRO C 142 -3.84 10.00 -27.35
CA PRO C 142 -4.08 8.66 -26.82
C PRO C 142 -2.81 7.79 -26.93
N LEU C 143 -2.51 7.10 -25.82
CA LEU C 143 -1.41 6.16 -25.68
C LEU C 143 -1.94 4.73 -25.89
N ASP C 144 -3.10 4.59 -26.56
CA ASP C 144 -3.73 3.30 -26.78
C ASP C 144 -2.99 2.63 -27.95
N GLY C 145 -2.65 1.36 -27.76
CA GLY C 145 -1.80 0.62 -28.70
C GLY C 145 -0.42 0.38 -28.11
N PHE C 146 0.36 -0.45 -28.82
CA PHE C 146 1.65 -0.93 -28.36
C PHE C 146 2.50 -1.27 -29.58
N PRO C 147 3.80 -0.92 -29.59
CA PRO C 147 4.68 -1.32 -30.69
C PRO C 147 5.28 -2.73 -30.56
N GLY C 148 5.02 -3.40 -29.42
CA GLY C 148 5.65 -4.69 -29.11
C GLY C 148 7.02 -4.46 -28.47
N TYR C 149 7.84 -5.51 -28.35
CA TYR C 149 9.14 -5.35 -27.70
C TYR C 149 10.01 -6.54 -28.14
N ARG C 150 11.26 -6.31 -27.89
CA ARG C 150 12.24 -7.38 -28.11
C ARG C 150 13.39 -7.16 -27.12
N VAL C 151 13.74 -8.17 -26.34
CA VAL C 151 14.84 -8.11 -25.40
C VAL C 151 15.88 -9.07 -25.96
N GLU C 152 17.13 -8.56 -26.07
CA GLU C 152 18.27 -9.31 -26.56
C GLU C 152 19.41 -9.39 -25.53
N LEU C 153 20.04 -10.57 -25.43
CA LEU C 153 21.35 -10.71 -24.78
C LEU C 153 22.42 -10.89 -25.84
N LEU C 154 23.49 -10.06 -25.74
CA LEU C 154 24.57 -9.99 -26.72
C LEU C 154 25.89 -10.53 -26.14
N ALA C 155 26.71 -11.05 -27.06
CA ALA C 155 28.16 -11.08 -26.95
C ALA C 155 28.72 -10.22 -28.08
N GLY C 156 29.58 -9.25 -27.74
CA GLY C 156 30.03 -8.29 -28.72
C GLY C 156 28.85 -7.71 -29.50
N ASP C 157 28.82 -7.95 -30.82
CA ASP C 157 27.78 -7.46 -31.71
C ASP C 157 26.80 -8.61 -32.04
N THR C 158 27.01 -9.79 -31.46
CA THR C 158 26.18 -10.97 -31.71
C THR C 158 25.03 -11.08 -30.71
N VAL C 159 23.80 -11.20 -31.25
CA VAL C 159 22.62 -11.59 -30.50
C VAL C 159 22.71 -13.08 -30.17
N LEU C 160 22.93 -13.38 -28.89
CA LEU C 160 23.00 -14.76 -28.40
C LEU C 160 21.58 -15.33 -28.29
N ALA C 161 20.67 -14.54 -27.73
CA ALA C 161 19.40 -15.03 -27.27
C ALA C 161 18.42 -13.86 -27.20
N ALA C 162 17.14 -14.13 -27.51
CA ALA C 162 16.17 -13.07 -27.66
C ALA C 162 14.74 -13.57 -27.43
N ASP C 163 13.95 -12.65 -26.87
CA ASP C 163 12.51 -12.70 -26.76
C ASP C 163 11.91 -11.51 -27.51
N GLN C 164 11.16 -11.81 -28.57
CA GLN C 164 10.29 -10.84 -29.22
C GLN C 164 8.83 -11.24 -28.99
N ASN C 165 8.16 -10.43 -28.18
CA ASN C 165 6.72 -10.34 -28.03
C ASN C 165 6.07 -11.61 -27.47
N ASN C 166 6.82 -12.51 -26.82
CA ASN C 166 6.23 -13.69 -26.23
C ASN C 166 5.19 -13.32 -25.15
N LEU C 167 5.39 -12.20 -24.44
CA LEU C 167 4.38 -11.74 -23.45
C LEU C 167 3.51 -10.64 -24.07
N TYR C 168 2.20 -10.75 -23.78
CA TYR C 168 1.25 -9.68 -23.99
C TYR C 168 1.17 -8.81 -22.73
N ILE C 169 1.34 -7.50 -22.95
CA ILE C 169 1.35 -6.50 -21.91
C ILE C 169 0.06 -5.68 -22.05
N LYS C 170 -0.89 -5.80 -21.08
CA LYS C 170 -2.19 -5.06 -21.13
C LYS C 170 -1.88 -3.56 -21.04
N GLU C 171 -2.80 -2.70 -21.48
CA GLU C 171 -2.53 -1.27 -21.37
C GLU C 171 -2.46 -0.92 -19.87
N LYS C 172 -1.57 0.03 -19.53
CA LYS C 172 -1.30 0.49 -18.15
C LYS C 172 -0.70 -0.61 -17.26
N ASP C 173 -0.04 -1.62 -17.83
CA ASP C 173 0.58 -2.66 -16.99
C ASP C 173 2.07 -2.78 -17.35
N PHE C 174 2.78 -3.47 -16.45
CA PHE C 174 4.13 -3.95 -16.63
C PHE C 174 4.13 -5.47 -16.45
N LYS C 175 4.95 -6.17 -17.26
CA LYS C 175 5.22 -7.62 -17.09
C LYS C 175 6.72 -7.88 -17.26
N THR C 176 7.19 -8.89 -16.53
CA THR C 176 8.58 -9.28 -16.50
C THR C 176 8.82 -10.37 -17.53
N THR C 177 9.86 -10.19 -18.34
CA THR C 177 10.30 -11.21 -19.27
C THR C 177 11.68 -11.71 -18.84
N THR C 178 12.00 -12.91 -19.35
CA THR C 178 13.20 -13.63 -19.04
C THR C 178 13.78 -14.24 -20.32
N VAL C 179 15.04 -13.88 -20.61
CA VAL C 179 15.83 -14.45 -21.69
C VAL C 179 16.98 -15.24 -21.06
N THR C 180 17.20 -16.48 -21.52
CA THR C 180 18.26 -17.31 -20.96
C THR C 180 19.16 -17.82 -22.07
N PHE C 181 20.42 -18.04 -21.72
CA PHE C 181 21.38 -18.54 -22.64
C PHE C 181 22.48 -19.29 -21.87
N ILE C 182 22.96 -20.37 -22.46
CA ILE C 182 24.14 -21.05 -22.00
C ILE C 182 25.18 -21.07 -23.12
N ALA C 183 26.40 -20.69 -22.77
CA ALA C 183 27.51 -20.70 -23.70
C ALA C 183 28.35 -21.96 -23.40
N THR C 184 28.81 -22.60 -24.47
CA THR C 184 29.53 -23.83 -24.39
C THR C 184 31.01 -23.52 -24.55
N PRO C 185 31.92 -24.46 -24.21
CA PRO C 185 33.35 -24.25 -24.41
C PRO C 185 33.73 -23.94 -25.88
N GLU C 186 32.92 -24.44 -26.82
CA GLU C 186 33.11 -24.25 -28.26
C GLU C 186 32.56 -22.89 -28.74
N SER C 187 31.87 -22.12 -27.89
CA SER C 187 31.23 -20.89 -28.39
C SER C 187 32.29 -20.03 -29.08
N PRO C 188 32.04 -19.54 -30.31
CA PRO C 188 32.96 -18.58 -30.93
C PRO C 188 32.92 -17.18 -30.28
N TYR C 189 32.12 -17.00 -29.22
CA TYR C 189 31.83 -15.67 -28.67
C TYR C 189 32.46 -15.50 -27.28
N LEU C 190 33.19 -16.51 -26.81
CA LEU C 190 33.83 -16.51 -25.48
C LEU C 190 34.76 -15.31 -25.39
N GLY C 191 34.72 -14.62 -24.26
CA GLY C 191 35.57 -13.48 -24.04
C GLY C 191 35.12 -12.21 -24.76
N GLN C 192 33.93 -12.19 -25.39
CA GLN C 192 33.37 -10.92 -25.89
C GLN C 192 32.48 -10.32 -24.77
N HIS C 193 32.36 -8.99 -24.77
CA HIS C 193 31.56 -8.27 -23.77
C HIS C 193 30.07 -8.61 -23.87
N LEU C 194 29.45 -8.84 -22.72
CA LEU C 194 28.01 -9.01 -22.60
C LEU C 194 27.31 -7.68 -22.87
N GLY C 195 26.22 -7.74 -23.63
CA GLY C 195 25.41 -6.58 -23.89
C GLY C 195 23.95 -6.87 -23.58
N ILE C 196 23.18 -5.81 -23.39
CA ILE C 196 21.75 -5.91 -23.27
C ILE C 196 21.15 -4.90 -24.25
N ARG C 197 20.12 -5.32 -24.98
CA ARG C 197 19.30 -4.44 -25.83
C ARG C 197 17.83 -4.60 -25.49
N LEU C 198 17.15 -3.45 -25.37
CA LEU C 198 15.74 -3.26 -25.09
C LEU C 198 15.15 -2.49 -26.28
N ILE C 199 14.35 -3.19 -27.10
CA ILE C 199 14.01 -2.77 -28.42
C ILE C 199 12.50 -2.52 -28.56
N ASN C 200 12.22 -1.37 -29.19
CA ASN C 200 10.97 -0.99 -29.73
C ASN C 200 10.92 -1.36 -31.21
N PRO C 201 10.27 -2.46 -31.60
CA PRO C 201 10.26 -2.89 -32.99
C PRO C 201 9.17 -2.25 -33.87
N LEU C 202 8.48 -1.21 -33.36
CA LEU C 202 7.54 -0.37 -34.17
C LEU C 202 6.56 -1.24 -35.00
N GLN C 203 5.85 -2.12 -34.27
CA GLN C 203 4.82 -2.99 -34.81
C GLN C 203 3.46 -2.57 -34.23
N GLY C 204 3.20 -1.26 -34.21
CA GLY C 204 1.95 -0.69 -33.74
C GLY C 204 2.15 0.73 -33.21
N LYS C 205 1.08 1.52 -33.32
CA LYS C 205 0.93 2.82 -32.65
C LYS C 205 -0.16 2.65 -31.61
N PHE C 206 -0.09 3.33 -30.46
CA PHE C 206 0.95 4.27 -30.07
C PHE C 206 2.28 3.52 -29.85
N SER C 207 3.36 4.10 -30.39
CA SER C 207 4.63 3.39 -30.62
C SER C 207 5.64 3.77 -29.55
N GLY C 208 5.19 3.63 -28.29
CA GLY C 208 5.99 3.84 -27.12
C GLY C 208 5.99 2.59 -26.27
N VAL C 209 7.16 2.19 -25.78
CA VAL C 209 7.32 1.00 -24.94
C VAL C 209 8.32 1.36 -23.82
N ASP C 210 8.08 0.85 -22.60
CA ASP C 210 8.86 1.25 -21.41
C ASP C 210 9.52 0.03 -20.76
N PHE C 211 10.63 0.25 -20.04
CA PHE C 211 11.44 -0.83 -19.39
C PHE C 211 11.83 -0.41 -17.96
N ASP C 212 12.10 -1.39 -17.11
CA ASP C 212 12.59 -1.13 -15.78
C ASP C 212 13.25 -2.38 -15.22
N ASN C 213 14.08 -2.16 -14.20
CA ASN C 213 14.58 -3.18 -13.32
C ASN C 213 15.30 -4.25 -14.14
N VAL C 214 16.36 -3.83 -14.81
CA VAL C 214 17.13 -4.75 -15.57
C VAL C 214 18.05 -5.51 -14.59
N ARG C 215 18.03 -6.85 -14.68
CA ARG C 215 18.91 -7.73 -13.86
C ARG C 215 19.49 -8.83 -14.79
N LEU C 216 20.76 -9.13 -14.58
CA LEU C 216 21.50 -10.17 -15.30
C LEU C 216 22.34 -10.97 -14.28
N THR C 217 22.02 -12.27 -14.14
CA THR C 217 22.78 -13.20 -13.24
C THR C 217 23.52 -14.25 -14.06
N ALA C 218 24.69 -14.69 -13.56
CA ALA C 218 25.48 -15.80 -14.15
C ALA C 218 25.63 -16.90 -13.09
N GLU C 219 25.56 -18.15 -13.55
CA GLU C 219 25.72 -19.31 -12.69
C GLU C 219 26.27 -20.47 -13.52
N PRO C 220 26.95 -21.47 -12.89
CA PRO C 220 27.47 -22.63 -13.63
C PRO C 220 26.37 -23.47 -14.30
N ALA C 221 26.76 -24.26 -15.30
CA ALA C 221 25.83 -25.11 -16.04
C ALA C 221 26.60 -26.24 -16.73
N GLU C 222 25.93 -27.35 -17.06
CA GLU C 222 26.57 -28.48 -17.79
C GLU C 222 26.14 -28.44 -19.27
N SER D 23 29.77 2.16 -2.69
CA SER D 23 30.22 1.33 -1.54
C SER D 23 29.11 1.25 -0.48
N ALA D 24 29.30 1.87 0.69
CA ALA D 24 28.39 1.73 1.86
C ALA D 24 27.29 2.80 1.82
N VAL D 25 26.05 2.36 1.52
CA VAL D 25 24.87 3.23 1.41
C VAL D 25 24.13 3.22 2.75
N SER D 26 23.80 4.42 3.20
CA SER D 26 23.07 4.66 4.41
C SER D 26 21.58 4.37 4.14
N ILE D 27 20.91 3.71 5.09
CA ILE D 27 19.47 3.45 4.99
C ILE D 27 18.76 4.39 5.93
N PRO D 28 17.81 5.20 5.42
CA PRO D 28 17.13 6.19 6.25
C PRO D 28 16.33 5.55 7.40
N ILE D 29 16.30 6.27 8.52
CA ILE D 29 15.78 5.82 9.78
C ILE D 29 15.22 7.07 10.47
N LYS D 30 13.92 7.08 10.73
CA LYS D 30 13.26 8.20 11.43
C LYS D 30 13.82 8.32 12.85
N ASN D 31 14.31 9.52 13.19
CA ASN D 31 14.67 9.92 14.52
C ASN D 31 15.81 9.00 15.01
N ALA D 32 16.80 8.77 14.14
CA ALA D 32 17.82 7.76 14.33
C ALA D 32 18.76 8.09 15.51
N GLY D 33 18.90 9.38 15.85
CA GLY D 33 19.68 9.82 17.01
C GLY D 33 18.79 10.19 18.18
N PHE D 34 17.49 9.86 18.07
CA PHE D 34 16.46 10.22 19.03
C PHE D 34 16.52 11.74 19.34
N GLU D 35 16.71 12.58 18.31
CA GLU D 35 16.94 14.04 18.51
C GLU D 35 15.60 14.79 18.59
N GLU D 36 14.48 14.11 18.27
CA GLU D 36 13.12 14.66 18.39
C GLU D 36 12.41 13.97 19.55
N PRO D 37 11.69 14.75 20.38
CA PRO D 37 11.72 16.19 20.34
C PRO D 37 13.07 16.71 20.84
N SER D 38 13.46 17.89 20.36
CA SER D 38 14.64 18.64 20.79
C SER D 38 14.35 19.18 22.20
N LEU D 39 15.31 19.01 23.13
CA LEU D 39 15.16 19.33 24.57
C LEU D 39 16.31 20.22 25.04
N THR D 40 16.26 20.62 26.32
CA THR D 40 17.15 21.63 26.95
C THR D 40 17.50 21.22 28.39
N ASP D 43 19.81 17.65 31.87
CA ASP D 43 19.54 16.28 32.30
C ASP D 43 18.04 16.02 32.44
N TYR D 44 17.23 16.40 31.44
CA TYR D 44 15.79 16.08 31.43
C TYR D 44 15.44 15.24 30.18
N TYR D 45 14.17 14.79 30.11
CA TYR D 45 13.72 13.69 29.24
C TYR D 45 12.19 13.67 29.06
N THR D 46 11.73 12.80 28.14
CA THR D 46 10.32 12.44 27.97
C THR D 46 10.06 11.07 28.60
N ILE D 47 8.78 10.68 28.62
CA ILE D 47 8.32 9.35 29.01
C ILE D 47 7.34 8.83 27.96
N ASP D 48 7.47 9.32 26.72
CA ASP D 48 6.65 8.89 25.59
C ASP D 48 7.55 8.24 24.53
N THR D 49 6.98 7.25 23.85
CA THR D 49 7.68 6.51 22.80
C THR D 49 8.38 7.52 21.88
N PRO D 50 9.74 7.53 21.83
CA PRO D 50 10.46 8.41 20.91
C PRO D 50 9.74 8.42 19.57
N PRO D 51 9.50 9.61 18.97
CA PRO D 51 8.74 9.68 17.72
C PRO D 51 9.50 8.88 16.67
N GLY D 52 8.75 8.18 15.79
CA GLY D 52 9.30 7.38 14.70
C GLY D 52 9.52 5.91 15.06
N TRP D 53 9.65 5.63 16.37
CA TRP D 53 9.77 4.27 16.94
C TRP D 53 8.42 3.87 17.56
N ILE D 54 8.20 2.55 17.67
CA ILE D 54 7.11 2.00 18.48
C ILE D 54 7.74 1.24 19.66
N THR D 55 6.95 1.06 20.71
CA THR D 55 7.35 0.28 21.85
C THR D 55 7.17 -1.20 21.50
N TYR D 56 8.20 -1.99 21.82
CA TYR D 56 8.19 -3.45 21.74
C TYR D 56 7.92 -3.91 23.17
N ASP D 57 6.72 -4.47 23.37
CA ASP D 57 6.19 -4.82 24.70
C ASP D 57 5.54 -6.19 24.64
N PRO D 58 6.26 -7.26 24.23
CA PRO D 58 5.64 -8.55 23.98
C PRO D 58 5.11 -9.20 25.28
N ASN D 59 5.70 -8.79 26.40
CA ASN D 59 5.44 -9.34 27.72
C ASN D 59 4.41 -8.47 28.47
N GLY D 60 4.16 -7.24 27.99
CA GLY D 60 3.14 -6.35 28.55
C GLY D 60 3.57 -5.73 29.88
N LEU D 61 4.85 -5.29 29.94
CA LEU D 61 5.48 -4.67 31.11
C LEU D 61 5.38 -3.14 31.04
N VAL D 62 4.99 -2.61 29.88
CA VAL D 62 4.84 -1.16 29.65
C VAL D 62 3.36 -0.83 29.45
N PRO D 63 2.79 0.01 30.35
CA PRO D 63 1.37 0.37 30.32
C PRO D 63 1.00 1.45 29.28
N ALA D 64 -0.31 1.53 29.03
CA ALA D 64 -0.96 2.57 28.20
C ALA D 64 -0.64 3.94 28.79
N LYS D 65 -0.98 4.09 30.07
CA LYS D 65 -0.80 5.31 30.85
C LYS D 65 0.58 5.20 31.54
N ARG D 66 1.56 5.90 30.98
CA ARG D 66 2.93 5.92 31.51
C ARG D 66 3.02 6.98 32.62
N THR D 67 3.89 6.73 33.61
CA THR D 67 4.32 7.74 34.62
C THR D 67 5.85 7.72 34.72
N ARG D 68 6.38 8.38 35.74
CA ARG D 68 7.81 8.47 35.96
C ARG D 68 8.28 7.28 36.80
N ILE D 69 7.31 6.58 37.43
CA ILE D 69 7.57 5.48 38.33
C ILE D 69 7.46 4.15 37.59
N THR D 70 6.67 4.11 36.51
CA THR D 70 6.42 2.86 35.80
C THR D 70 7.49 2.62 34.74
N SER D 71 7.47 1.40 34.19
CA SER D 71 8.24 1.01 33.03
C SER D 71 7.93 2.01 31.91
N ASN D 72 8.96 2.50 31.24
CA ASN D 72 8.77 3.49 30.24
C ASN D 72 10.03 3.65 29.39
N ASN D 73 9.87 4.39 28.30
CA ASN D 73 10.91 4.69 27.37
C ASN D 73 10.68 6.10 26.88
N GLY D 74 11.66 6.68 26.18
CA GLY D 74 11.64 8.07 25.75
C GLY D 74 13.04 8.58 25.52
N VAL D 75 13.18 9.91 25.42
CA VAL D 75 14.47 10.60 25.12
C VAL D 75 14.98 11.29 26.39
N GLY D 76 16.29 11.57 26.47
CA GLY D 76 16.92 12.24 27.61
C GLY D 76 18.20 12.98 27.23
N TYR D 77 18.28 14.27 27.61
CA TYR D 77 19.38 15.20 27.27
C TYR D 77 20.70 14.78 27.95
N THR D 78 21.77 14.58 27.15
CA THR D 78 23.07 14.09 27.63
C THR D 78 24.15 14.87 26.90
N GLY D 79 24.61 15.97 27.50
CA GLY D 79 25.68 16.76 26.93
C GLY D 79 26.90 16.76 27.85
N PRO D 80 27.66 17.87 27.90
CA PRO D 80 28.73 18.04 28.89
C PRO D 80 28.03 18.20 30.25
N ASN D 81 28.73 17.77 31.30
CA ASN D 81 28.20 17.82 32.65
C ASN D 81 26.88 17.05 32.74
N SER D 82 26.76 15.93 32.01
CA SER D 82 25.71 14.96 32.27
C SER D 82 25.99 14.32 33.64
N ALA D 83 24.95 14.22 34.48
CA ALA D 83 25.04 13.59 35.81
C ALA D 83 25.41 12.10 35.70
N TYR D 84 24.95 11.42 34.63
CA TYR D 84 24.90 9.96 34.57
C TYR D 84 25.97 9.34 33.67
N TYR D 85 26.53 10.13 32.75
CA TYR D 85 27.56 9.62 31.81
C TYR D 85 28.81 10.51 31.89
N ASN D 86 29.97 9.93 31.55
CA ASN D 86 31.32 10.56 31.70
C ASN D 86 31.67 11.45 30.50
N HIS D 87 30.93 11.24 29.40
CA HIS D 87 31.07 11.95 28.18
C HIS D 87 29.67 12.47 27.79
N LYS D 88 29.63 13.21 26.68
CA LYS D 88 28.37 13.68 26.07
C LYS D 88 27.74 12.52 25.28
N ALA D 89 26.44 12.66 24.96
CA ALA D 89 25.72 11.74 24.07
C ALA D 89 26.60 11.44 22.85
N PRO D 90 26.69 10.17 22.41
CA PRO D 90 27.57 9.80 21.30
C PRO D 90 27.19 10.54 20.01
N GLU D 91 25.95 11.02 19.92
CA GLU D 91 25.47 11.76 18.77
C GLU D 91 24.50 12.85 19.26
N GLY D 92 24.71 14.07 18.74
CA GLY D 92 23.96 15.26 19.06
C GLY D 92 23.91 15.48 20.56
N ARG D 93 22.68 15.60 21.08
CA ARG D 93 22.41 15.91 22.48
C ARG D 93 21.55 14.85 23.17
N ASN D 94 20.80 14.03 22.42
CA ASN D 94 19.84 13.09 23.02
C ASN D 94 20.27 11.63 22.79
N VAL D 95 19.86 10.80 23.78
CA VAL D 95 19.95 9.33 23.84
C VAL D 95 18.52 8.80 24.10
N ALA D 96 18.17 7.61 23.58
CA ALA D 96 16.92 6.97 23.98
C ALA D 96 17.18 6.20 25.27
N TYR D 97 16.14 5.98 26.08
CA TYR D 97 16.24 5.08 27.24
C TYR D 97 15.05 4.13 27.26
N VAL D 98 15.30 2.92 27.79
CA VAL D 98 14.28 1.89 28.02
C VAL D 98 14.51 1.37 29.44
N TYR D 99 13.44 1.42 30.23
CA TYR D 99 13.50 1.14 31.66
C TYR D 99 12.33 0.23 32.04
N LEU D 100 12.62 -0.74 32.91
CA LEU D 100 11.63 -1.73 33.32
C LEU D 100 11.60 -1.79 34.84
N ALA D 101 10.39 -1.58 35.38
CA ALA D 101 10.19 -1.46 36.80
C ALA D 101 10.08 -2.87 37.39
N GLN D 102 9.59 -3.82 36.58
CA GLN D 102 9.29 -5.17 37.03
C GLN D 102 10.57 -5.86 37.49
N GLU D 103 10.40 -7.00 38.16
CA GLU D 103 11.51 -7.69 38.75
C GLU D 103 12.26 -8.45 37.66
N ILE D 104 13.57 -8.63 37.91
CA ILE D 104 14.44 -9.33 37.00
C ILE D 104 13.80 -10.69 36.70
N GLY D 105 13.62 -10.96 35.39
CA GLY D 105 13.07 -12.18 34.89
C GLY D 105 11.67 -12.02 34.32
N SER D 106 11.05 -10.84 34.47
CA SER D 106 9.62 -10.69 34.06
C SER D 106 9.47 -10.70 32.55
N GLY D 107 10.58 -10.50 31.82
CA GLY D 107 10.59 -10.49 30.38
C GLY D 107 11.42 -9.33 29.85
N ILE D 108 11.05 -8.85 28.65
CA ILE D 108 11.87 -7.93 27.85
C ILE D 108 10.96 -6.89 27.18
N ALA D 109 11.51 -5.70 26.95
CA ALA D 109 10.89 -4.70 26.17
C ALA D 109 11.95 -3.84 25.52
N GLY D 110 11.52 -3.10 24.49
CA GLY D 110 12.38 -2.10 23.94
C GLY D 110 11.67 -1.20 22.96
N LEU D 111 12.49 -0.73 22.00
CA LEU D 111 12.12 0.17 20.91
C LEU D 111 12.34 -0.54 19.58
N GLU D 112 11.43 -0.32 18.64
CA GLU D 112 11.42 -1.00 17.34
C GLU D 112 11.09 0.05 16.27
N GLN D 113 11.56 -0.16 15.05
CA GLN D 113 11.18 0.65 13.94
C GLN D 113 11.30 -0.21 12.69
N THR D 114 10.21 -0.26 11.93
CA THR D 114 10.19 -0.81 10.58
C THR D 114 10.56 0.29 9.56
N LEU D 115 11.38 -0.09 8.58
CA LEU D 115 12.00 0.83 7.64
C LEU D 115 11.33 0.65 6.28
N ASP D 116 11.47 1.70 5.46
CA ASP D 116 10.98 1.73 4.08
C ASP D 116 11.73 0.64 3.27
N ALA D 117 12.99 0.38 3.61
CA ALA D 117 13.83 -0.54 2.80
C ALA D 117 13.41 -1.99 3.07
N VAL D 118 13.71 -2.88 2.12
CA VAL D 118 13.30 -4.28 2.15
C VAL D 118 14.54 -5.16 1.96
N LEU D 119 14.48 -6.40 2.46
CA LEU D 119 15.65 -7.24 2.42
C LEU D 119 15.96 -7.54 0.95
N LYS D 120 17.20 -7.20 0.55
CA LYS D 120 17.73 -7.47 -0.77
C LYS D 120 18.84 -8.51 -0.69
N PRO D 121 19.00 -9.39 -1.72
CA PRO D 121 20.03 -10.43 -1.70
C PRO D 121 21.42 -9.83 -2.01
N ASN D 122 22.46 -10.58 -1.69
CA ASN D 122 23.83 -10.17 -1.93
C ASN D 122 24.08 -8.77 -1.36
N THR D 123 23.60 -8.53 -0.15
CA THR D 123 23.66 -7.25 0.50
C THR D 123 24.08 -7.49 1.96
N LYS D 124 25.25 -6.94 2.32
CA LYS D 124 25.74 -6.90 3.67
C LYS D 124 25.14 -5.67 4.38
N TYR D 125 24.42 -5.93 5.46
CA TYR D 125 23.83 -4.92 6.23
C TYR D 125 24.67 -4.76 7.49
N THR D 126 24.92 -3.50 7.88
CA THR D 126 25.67 -3.19 9.05
C THR D 126 24.85 -2.24 9.91
N LEU D 127 24.46 -2.73 11.10
CA LEU D 127 23.70 -2.00 12.06
C LEU D 127 24.62 -1.62 13.23
N THR D 128 24.75 -0.32 13.50
CA THR D 128 25.63 0.19 14.53
C THR D 128 24.79 1.06 15.43
N VAL D 129 25.01 0.94 16.73
CA VAL D 129 24.25 1.66 17.71
C VAL D 129 25.08 1.71 18.99
N ASP D 130 25.02 2.84 19.68
CA ASP D 130 25.80 3.06 20.86
C ASP D 130 24.90 2.67 22.05
N ILE D 131 25.45 1.89 23.00
CA ILE D 131 24.70 1.42 24.19
C ILE D 131 25.28 2.08 25.47
N GLY D 132 24.39 2.69 26.26
CA GLY D 132 24.79 3.42 27.46
C GLY D 132 24.28 2.78 28.74
N ASN D 133 25.20 2.64 29.69
CA ASN D 133 24.90 2.21 31.04
C ASN D 133 24.83 3.43 31.96
N SER D 134 23.63 3.97 32.14
CA SER D 134 23.41 5.14 32.99
C SER D 134 24.07 4.86 34.33
N GLY D 135 24.73 5.87 34.93
CA GLY D 135 25.36 5.75 36.27
C GLY D 135 24.92 6.87 37.20
N GLY D 136 25.44 6.85 38.44
CA GLY D 136 25.19 7.90 39.44
C GLY D 136 23.95 7.61 40.26
N SER D 137 23.09 8.63 40.41
CA SER D 137 21.83 8.49 41.15
C SER D 137 20.80 9.53 40.68
N PHE D 138 19.54 9.28 41.04
CA PHE D 138 18.42 10.13 40.72
C PHE D 138 17.43 10.10 41.87
N GLN D 139 17.40 11.21 42.63
CA GLN D 139 16.44 11.47 43.70
C GLN D 139 16.54 10.40 44.79
N GLY D 140 17.78 10.10 45.22
CA GLY D 140 18.06 9.12 46.30
C GLY D 140 17.90 7.67 45.88
N PHE D 141 17.72 7.42 44.57
CA PHE D 141 17.75 6.07 43.95
C PHE D 141 19.06 5.97 43.17
N PRO D 142 19.86 4.90 43.36
CA PRO D 142 21.13 4.75 42.66
C PRO D 142 20.87 4.14 41.27
N LEU D 143 21.78 4.41 40.33
CA LEU D 143 21.69 3.96 38.95
C LEU D 143 22.69 2.81 38.70
N ASP D 144 23.38 2.34 39.75
CA ASP D 144 24.31 1.22 39.61
C ASP D 144 23.53 -0.02 39.13
N GLY D 145 24.20 -0.87 38.34
CA GLY D 145 23.63 -2.08 37.74
C GLY D 145 23.16 -1.84 36.31
N PHE D 146 22.89 -2.93 35.58
CA PHE D 146 22.62 -2.89 34.14
C PHE D 146 21.77 -4.08 33.72
N PRO D 147 20.65 -3.90 32.98
CA PRO D 147 19.81 -5.04 32.59
C PRO D 147 20.33 -5.84 31.39
N GLY D 148 21.53 -5.49 30.88
CA GLY D 148 22.01 -5.98 29.61
C GLY D 148 21.29 -5.32 28.44
N TYR D 149 21.61 -5.79 27.23
CA TYR D 149 21.02 -5.27 26.04
C TYR D 149 20.99 -6.39 25.00
N ARG D 150 20.05 -6.25 24.05
CA ARG D 150 20.01 -6.96 22.80
C ARG D 150 19.61 -6.00 21.67
N VAL D 151 20.43 -5.97 20.61
CA VAL D 151 20.18 -5.28 19.34
C VAL D 151 19.90 -6.35 18.28
N GLU D 152 18.82 -6.16 17.51
CA GLU D 152 18.35 -7.09 16.52
C GLU D 152 18.17 -6.38 15.18
N LEU D 153 18.51 -7.06 14.09
CA LEU D 153 18.12 -6.66 12.76
C LEU D 153 17.00 -7.58 12.30
N LEU D 154 15.96 -7.02 11.67
CA LEU D 154 14.74 -7.78 11.28
C LEU D 154 14.48 -7.69 9.77
N ALA D 155 13.76 -8.70 9.29
CA ALA D 155 12.93 -8.65 8.09
C ALA D 155 11.55 -9.15 8.51
N GLY D 156 10.51 -8.34 8.28
CA GLY D 156 9.19 -8.62 8.80
C GLY D 156 9.25 -8.68 10.31
N ASP D 157 8.83 -9.82 10.87
CA ASP D 157 8.88 -10.06 12.32
C ASP D 157 10.01 -11.06 12.65
N THR D 158 10.84 -11.45 11.66
CA THR D 158 11.92 -12.45 11.85
C THR D 158 13.24 -11.77 12.26
N VAL D 159 13.91 -12.31 13.28
CA VAL D 159 15.22 -11.83 13.74
C VAL D 159 16.28 -12.43 12.82
N LEU D 160 16.87 -11.60 11.95
CA LEU D 160 17.91 -12.07 11.04
C LEU D 160 19.22 -12.22 11.84
N ALA D 161 19.57 -11.19 12.64
CA ALA D 161 20.83 -11.19 13.37
C ALA D 161 20.71 -10.32 14.61
N ALA D 162 21.53 -10.64 15.60
CA ALA D 162 21.36 -10.09 16.91
C ALA D 162 22.67 -10.20 17.67
N ASP D 163 22.89 -9.18 18.50
CA ASP D 163 23.89 -9.21 19.49
C ASP D 163 23.20 -9.02 20.84
N GLN D 164 23.44 -9.95 21.76
CA GLN D 164 22.97 -9.80 23.12
C GLN D 164 24.21 -9.79 24.01
N ASN D 165 24.46 -8.67 24.68
CA ASN D 165 25.43 -8.59 25.78
C ASN D 165 26.85 -8.99 25.38
N ASN D 166 27.22 -8.95 24.11
CA ASN D 166 28.59 -9.26 23.79
C ASN D 166 29.53 -8.19 24.36
N LEU D 167 29.06 -6.94 24.45
CA LEU D 167 29.87 -5.84 24.99
C LEU D 167 29.55 -5.65 26.48
N TYR D 168 30.62 -5.45 27.27
CA TYR D 168 30.47 -5.03 28.61
C TYR D 168 30.56 -3.51 28.65
N ILE D 169 29.59 -2.88 29.31
CA ILE D 169 29.50 -1.45 29.37
C ILE D 169 29.64 -1.02 30.84
N LYS D 170 30.74 -0.29 31.14
CA LYS D 170 31.02 0.25 32.46
C LYS D 170 29.95 1.30 32.75
N GLU D 171 29.71 1.57 34.04
CA GLU D 171 28.77 2.61 34.48
C GLU D 171 29.26 3.96 33.90
N LYS D 172 28.30 4.82 33.54
CA LYS D 172 28.51 6.16 32.98
C LYS D 172 29.33 6.11 31.68
N ASP D 173 29.24 5.01 30.91
CA ASP D 173 29.97 4.89 29.67
C ASP D 173 28.96 4.53 28.56
N PHE D 174 29.42 4.66 27.31
CA PHE D 174 28.77 4.17 26.12
C PHE D 174 29.75 3.32 25.31
N LYS D 175 29.20 2.30 24.63
CA LYS D 175 29.94 1.46 23.72
C LYS D 175 29.06 1.20 22.49
N THR D 176 29.71 1.23 21.33
CA THR D 176 29.11 0.90 20.07
C THR D 176 29.15 -0.60 19.79
N THR D 177 27.96 -1.17 19.54
CA THR D 177 27.89 -2.51 18.98
C THR D 177 27.67 -2.42 17.48
N THR D 178 28.05 -3.50 16.80
CA THR D 178 27.85 -3.69 15.38
C THR D 178 27.18 -5.07 15.20
N VAL D 179 26.08 -5.08 14.44
CA VAL D 179 25.41 -6.29 13.97
C VAL D 179 25.49 -6.30 12.44
N THR D 180 25.95 -7.42 11.86
CA THR D 180 26.09 -7.55 10.42
C THR D 180 25.22 -8.73 9.96
N PHE D 181 24.76 -8.69 8.72
CA PHE D 181 24.01 -9.79 8.16
C PHE D 181 24.10 -9.74 6.64
N ILE D 182 24.25 -10.91 6.02
CA ILE D 182 24.23 -11.07 4.58
C ILE D 182 23.08 -12.02 4.21
N ALA D 183 22.21 -11.55 3.31
CA ALA D 183 21.12 -12.36 2.72
C ALA D 183 21.59 -12.92 1.37
N THR D 184 21.58 -14.25 1.23
CA THR D 184 21.80 -14.91 -0.03
C THR D 184 20.54 -14.79 -0.88
N PRO D 185 20.60 -15.18 -2.17
CA PRO D 185 19.45 -15.15 -3.08
C PRO D 185 18.30 -16.09 -2.70
N GLU D 186 18.59 -17.19 -1.99
CA GLU D 186 17.56 -18.20 -1.71
C GLU D 186 17.08 -18.02 -0.26
N SER D 187 17.27 -16.80 0.27
CA SER D 187 16.76 -16.43 1.58
C SER D 187 15.24 -16.35 1.53
N PRO D 188 14.54 -16.91 2.53
CA PRO D 188 13.08 -16.88 2.54
C PRO D 188 12.43 -15.50 2.69
N TYR D 189 13.18 -14.50 3.19
CA TYR D 189 12.65 -13.27 3.73
C TYR D 189 12.85 -12.10 2.79
N LEU D 190 13.29 -12.38 1.56
CA LEU D 190 13.50 -11.35 0.57
C LEU D 190 12.17 -10.59 0.38
N GLY D 191 12.26 -9.26 0.30
CA GLY D 191 11.12 -8.39 -0.05
C GLY D 191 10.40 -7.87 1.18
N GLN D 192 10.69 -8.49 2.33
CA GLN D 192 10.13 -8.10 3.61
C GLN D 192 10.91 -6.89 4.14
N HIS D 193 10.21 -6.02 4.85
CA HIS D 193 10.73 -4.78 5.29
C HIS D 193 11.66 -4.98 6.51
N LEU D 194 12.81 -4.31 6.42
CA LEU D 194 13.80 -4.32 7.45
C LEU D 194 13.25 -3.60 8.66
N GLY D 195 13.67 -4.08 9.82
CA GLY D 195 13.38 -3.43 11.08
C GLY D 195 14.61 -3.44 11.97
N ILE D 196 14.57 -2.61 13.00
CA ILE D 196 15.55 -2.55 14.02
C ILE D 196 14.82 -2.71 15.36
N ARG D 197 15.37 -3.54 16.25
CA ARG D 197 14.89 -3.64 17.61
C ARG D 197 16.02 -3.30 18.59
N LEU D 198 15.69 -2.47 19.58
CA LEU D 198 16.60 -2.11 20.65
C LEU D 198 16.01 -2.58 21.98
N ILE D 199 16.65 -3.56 22.63
CA ILE D 199 15.92 -4.31 23.63
C ILE D 199 16.56 -4.21 25.02
N ASN D 200 15.69 -4.18 26.04
CA ASN D 200 16.07 -4.28 27.44
C ASN D 200 15.68 -5.68 27.91
N PRO D 201 16.63 -6.62 28.11
CA PRO D 201 16.29 -7.99 28.45
C PRO D 201 16.09 -8.27 29.94
N LEU D 202 16.11 -7.23 30.77
CA LEU D 202 15.80 -7.24 32.19
C LEU D 202 16.59 -8.33 32.92
N GLN D 203 17.92 -8.28 32.80
CA GLN D 203 18.79 -9.34 33.34
C GLN D 203 19.62 -8.81 34.53
N GLY D 204 19.15 -7.73 35.12
CA GLY D 204 19.87 -7.02 36.14
C GLY D 204 19.15 -5.71 36.48
N LYS D 205 19.40 -5.21 37.70
CA LYS D 205 18.92 -3.92 38.22
C LYS D 205 20.16 -3.09 38.56
N PHE D 206 20.14 -1.75 38.38
CA PHE D 206 19.03 -0.93 37.94
C PHE D 206 18.71 -1.22 36.46
N SER D 207 17.42 -1.45 36.15
CA SER D 207 17.02 -2.09 34.92
C SER D 207 16.74 -1.04 33.84
N GLY D 208 17.73 -0.16 33.61
CA GLY D 208 17.67 0.88 32.60
C GLY D 208 18.85 0.78 31.65
N VAL D 209 18.55 0.87 30.36
CA VAL D 209 19.55 0.84 29.33
C VAL D 209 19.15 1.92 28.33
N ASP D 210 20.17 2.52 27.67
CA ASP D 210 19.99 3.67 26.75
C ASP D 210 20.64 3.35 25.39
N PHE D 211 20.12 3.96 24.32
CA PHE D 211 20.61 3.77 22.95
C PHE D 211 20.75 5.12 22.25
N ASP D 212 21.63 5.19 21.25
CA ASP D 212 21.86 6.39 20.48
C ASP D 212 22.60 6.07 19.17
N ASN D 213 22.50 7.02 18.21
CA ASN D 213 23.24 7.07 16.97
C ASN D 213 23.07 5.75 16.23
N VAL D 214 21.81 5.36 16.07
CA VAL D 214 21.42 4.20 15.29
C VAL D 214 21.72 4.48 13.81
N ARG D 215 22.49 3.59 13.19
CA ARG D 215 22.89 3.71 11.80
C ARG D 215 22.75 2.32 11.17
N LEU D 216 22.28 2.29 9.92
CA LEU D 216 22.22 1.03 9.14
C LEU D 216 22.71 1.30 7.71
N THR D 217 23.64 0.46 7.22
CA THR D 217 24.16 0.59 5.86
C THR D 217 23.99 -0.72 5.12
N ALA D 218 23.74 -0.59 3.81
CA ALA D 218 23.67 -1.66 2.85
C ALA D 218 24.82 -1.46 1.87
N GLU D 219 25.47 -2.56 1.48
CA GLU D 219 26.54 -2.53 0.50
C GLU D 219 26.58 -3.91 -0.15
N PRO D 220 26.73 -4.02 -1.48
CA PRO D 220 26.76 -5.34 -2.13
C PRO D 220 27.79 -6.30 -1.52
N ALA D 221 27.50 -7.62 -1.60
CA ALA D 221 28.41 -8.70 -1.16
C ALA D 221 28.03 -9.98 -1.91
N GLU D 222 28.78 -11.08 -1.70
CA GLU D 222 28.36 -12.39 -2.24
C GLU D 222 28.97 -13.53 -1.42
C10 9UL E . -11.79 -25.94 -5.49
C11 9UL E . -10.62 -25.33 -5.92
C12 9UL E . -10.02 -24.35 -5.14
C13 9UL E . -10.59 -23.92 -3.94
C14 9UL E . -11.77 -24.53 -3.49
C15 9UL E . -12.37 -25.52 -4.24
C01 9UL E . -7.14 -24.47 -6.98
N02 9UL E . -8.20 -24.87 -7.98
C03 9UL E . -8.06 -24.27 -9.48
C04 9UL E . -9.10 -24.81 -10.13
C05 9UL E . -9.40 -26.14 -9.45
C06 9UL E . -9.29 -25.70 -7.95
C07 9UL E . -10.31 -25.93 -7.14
C08 9UL E . -11.31 -26.86 -7.40
N09 9UL E . -12.22 -26.86 -6.40
C10 9UL F . -16.00 -23.75 -3.64
C11 9UL F . -15.32 -24.16 -4.78
C12 9UL F . -15.64 -25.43 -5.29
C13 9UL F . -16.60 -26.26 -4.64
C14 9UL F . -17.27 -25.81 -3.47
C15 9UL F . -16.98 -24.58 -2.97
C01 9UL F . -14.07 -24.38 -8.17
N02 9UL F . -13.33 -23.38 -7.36
C03 9UL F . -12.00 -22.75 -8.02
C04 9UL F . -11.40 -22.02 -7.07
C05 9UL F . -12.45 -21.68 -6.05
C06 9UL F . -13.53 -22.86 -6.14
C07 9UL F . -14.45 -23.08 -5.14
C08 9UL F . -14.65 -22.08 -4.18
N09 9UL F . -15.56 -22.49 -3.31
CA CA G . -26.83 -20.91 -1.53
CA CA H . -8.50 -19.27 2.42
MG MG I . -13.32 -11.36 -19.55
C10 9UL J . -18.60 28.10 2.78
C11 9UL J . -19.02 27.76 1.51
C12 9UL J . -19.82 26.65 1.36
C13 9UL J . -20.20 25.87 2.45
C14 9UL J . -19.77 26.22 3.75
C15 9UL J . -18.99 27.32 3.91
C01 9UL J . -21.01 28.15 -1.30
N02 9UL J . -19.54 28.32 -1.54
C03 9UL J . -18.76 28.05 -2.95
C04 9UL J . -18.04 29.17 -3.13
C05 9UL J . -17.67 29.65 -1.69
C06 9UL J . -18.60 28.77 -0.70
C07 9UL J . -18.48 28.69 0.63
C08 9UL J . -17.76 29.57 1.42
N09 9UL J . -17.84 29.20 2.72
C10 9UL K . -17.22 24.47 6.62
C11 9UL K . -16.80 25.38 5.65
C12 9UL K . -16.34 26.65 6.08
C13 9UL K . -16.33 26.99 7.45
C14 9UL K . -16.76 26.03 8.39
C15 9UL K . -17.21 24.81 8.01
C01 9UL K . -15.10 27.10 3.03
N02 9UL K . -15.93 25.97 2.54
C03 9UL K . -15.86 25.80 0.94
C04 9UL K . -16.96 25.11 0.68
C05 9UL K . -17.24 24.23 1.90
C06 9UL K . -16.70 25.08 3.15
C07 9UL K . -16.94 24.71 4.41
C08 9UL K . -17.45 23.45 4.71
N09 9UL K . -17.61 23.32 6.04
CA CA L . -25.37 19.73 2.42
CA CA M . -11.51 19.36 14.91
MG MG N . -4.37 18.81 -8.70
C10 9UL O . 6.47 7.36 -19.37
C11 9UL O . 6.50 8.56 -20.06
C12 9UL O . 6.60 9.75 -19.32
C13 9UL O . 6.70 9.72 -17.89
C14 9UL O . 6.67 8.47 -17.20
C15 9UL O . 6.56 7.31 -17.92
C01 9UL O . 6.57 7.52 -24.51
N02 9UL O . 6.51 8.84 -23.75
C03 9UL O . 6.63 10.27 -24.54
C04 9UL O . 7.59 10.89 -23.84
C05 9UL O . 7.21 10.50 -22.38
C06 9UL O . 6.40 9.11 -22.45
C07 9UL O . 6.40 8.24 -21.43
C08 9UL O . 6.33 6.86 -21.50
N09 9UL O . 6.37 6.35 -20.26
CA CA P . -0.23 1.81 -24.91
CA CA Q . 13.26 2.06 -11.81
CA CA R . 21.47 11.43 19.68
CA CA S . 23.89 1.56 35.67
MG MG T . 2.00 -2.36 26.91
#